data_7EHI
#
_entry.id   7EHI
#
_cell.length_a   116.566
_cell.length_b   116.566
_cell.length_c   107.181
_cell.angle_alpha   90.000
_cell.angle_beta   90.000
_cell.angle_gamma   90.000
#
_symmetry.space_group_name_H-M   'P 41 2 2'
#
loop_
_entity.id
_entity.type
_entity.pdbx_description
1 polymer 'alpha glucosidase'
2 branched alpha-D-glucopyranose-(1-4)-alpha-D-glucopyranose
3 non-polymer '2-(N-MORPHOLINO)-ETHANESULFONIC ACID'
4 non-polymer GLYCEROL
5 non-polymer 'CALCIUM ION'
6 non-polymer 'SULFATE ION'
7 water water
#
_entity_poly.entity_id   1
_entity_poly.type   'polypeptide(L)'
_entity_poly.pdbx_seq_one_letter_code
;MGNLAGIMHRPDSEMAYVVNEQTVNIRLRTAKDDIVSVELLAGDPYSLRSLPTDEKFYQVPKQMTKIMSDGISDFWQVTV
TEPKRRLAYAFLVTDMLGIQKIYSDKGFFKVADADLMDMNFYFRMPFFQTIDQYNAPEWVTDTVWYQIFPERFANGDVSN
DPVGTKPWDSTDHPGREDFYGGDLQGILDHLDHLQELGISGIYLNPIFQAPSNHKYDTQDYMTVDPHFGDAKLFKQLVQA
AHERGIRVMLDAVFNHIGDKSVQWQDVLKNEQASPYADWFHIHQFPATYTPTDNFEFAADATYDTFDYTPHMPKLNTSNP
EVVDYLLNIATYWVKEFDIDAWRLNVANEIDHHFWRKFHDAMMALKPDFYILGEIWHTSQSWLVGDEFTAVMNYSYTGAI
LQYFLENESADALVQKMSHQLMLYRDATNRMMFNTVDSHDTPRLMTLAHEDKQLAKSILTFTFMQPGVPSIYYGTEYGMT
GENDPDDRKPMVWQPELQDHDLYDFMQKLVQVRRQVIAKLSDDKIIFDVIGERQIRLTREDNQTRIVGVFNNGTTDLTVA
QPTSILLKTNQSETQLAPNDFMIWTEPVR
;
_entity_poly.pdbx_strand_id   A
#
loop_
_chem_comp.id
_chem_comp.type
_chem_comp.name
_chem_comp.formula
CA non-polymer 'CALCIUM ION' 'Ca 2'
GLC D-saccharide, alpha linking alpha-D-glucopyranose 'C6 H12 O6'
GOL non-polymer GLYCEROL 'C3 H8 O3'
MES non-polymer '2-(N-MORPHOLINO)-ETHANESULFONIC ACID' 'C6 H13 N O4 S'
SO4 non-polymer 'SULFATE ION' 'O4 S -2'
#
# COMPACT_ATOMS: atom_id res chain seq x y z
N GLY A 2 -34.24 8.35 12.56
CA GLY A 2 -32.86 8.25 12.15
C GLY A 2 -32.79 8.06 10.64
N ASN A 3 -31.57 8.18 10.12
CA ASN A 3 -31.30 8.03 8.69
C ASN A 3 -31.02 6.55 8.43
N LEU A 4 -32.10 5.76 8.29
CA LEU A 4 -31.92 4.32 8.11
C LEU A 4 -31.22 3.99 6.81
N ALA A 5 -31.40 4.81 5.75
CA ALA A 5 -30.72 4.52 4.49
C ALA A 5 -29.21 4.64 4.61
N GLY A 6 -28.72 5.36 5.62
CA GLY A 6 -27.30 5.51 5.87
C GLY A 6 -26.66 4.43 6.71
N ILE A 7 -27.44 3.44 7.15
CA ILE A 7 -26.92 2.39 8.03
C ILE A 7 -26.69 1.13 7.19
N MET A 8 -25.51 0.53 7.32
CA MET A 8 -25.26 -0.68 6.56
C MET A 8 -24.24 -1.57 7.25
N HIS A 9 -24.50 -2.87 7.21
CA HIS A 9 -23.53 -3.86 7.60
C HIS A 9 -23.56 -4.91 6.51
N ARG A 10 -22.39 -5.17 5.90
CA ARG A 10 -22.18 -6.25 4.93
C ARG A 10 -21.47 -7.41 5.61
N PRO A 11 -22.14 -8.53 5.81
CA PRO A 11 -21.50 -9.68 6.49
C PRO A 11 -20.37 -10.24 5.62
N ASP A 12 -19.48 -10.99 6.27
CA ASP A 12 -18.33 -11.64 5.58
C ASP A 12 -17.57 -10.69 4.66
N SER A 13 -17.00 -9.64 5.25
CA SER A 13 -16.35 -8.56 4.50
C SER A 13 -15.38 -7.88 5.44
N GLU A 14 -14.87 -6.69 5.04
CA GLU A 14 -14.08 -5.90 5.98
C GLU A 14 -14.91 -5.47 7.19
N MET A 15 -16.25 -5.60 7.15
CA MET A 15 -17.07 -5.26 8.31
C MET A 15 -17.30 -6.46 9.23
N ALA A 16 -16.80 -7.64 8.89
CA ALA A 16 -17.01 -8.82 9.75
C ALA A 16 -15.97 -9.86 9.33
N TYR A 17 -14.89 -9.93 10.12
CA TYR A 17 -13.81 -10.79 9.70
C TYR A 17 -13.11 -11.41 10.90
N VAL A 18 -12.43 -12.51 10.62
CA VAL A 18 -11.73 -13.30 11.63
C VAL A 18 -10.35 -12.71 11.90
N VAL A 19 -10.01 -12.50 13.16
CA VAL A 19 -8.65 -12.07 13.52
C VAL A 19 -7.84 -13.23 14.09
N ASN A 20 -8.47 -14.14 14.82
CA ASN A 20 -7.80 -15.39 15.22
C ASN A 20 -8.86 -16.47 15.48
N GLU A 21 -8.45 -17.66 15.95
CA GLU A 21 -9.39 -18.78 16.02
C GLU A 21 -10.67 -18.46 16.76
N GLN A 22 -10.62 -17.63 17.81
CA GLN A 22 -11.81 -17.37 18.62
C GLN A 22 -12.27 -15.93 18.57
N THR A 23 -11.70 -15.10 17.69
CA THR A 23 -11.93 -13.65 17.77
C THR A 23 -12.26 -13.05 16.40
N VAL A 24 -13.25 -12.17 16.38
CA VAL A 24 -13.67 -11.49 15.15
C VAL A 24 -13.76 -9.99 15.39
N ASN A 25 -13.62 -9.22 14.30
CA ASN A 25 -13.84 -7.76 14.32
C ASN A 25 -15.10 -7.47 13.52
N ILE A 26 -16.00 -6.66 14.09
CA ILE A 26 -17.26 -6.31 13.43
C ILE A 26 -17.39 -4.78 13.35
N ARG A 27 -17.82 -4.29 12.17
CA ARG A 27 -18.02 -2.86 11.94
C ARG A 27 -19.45 -2.59 11.49
N LEU A 28 -19.91 -1.36 11.77
CA LEU A 28 -21.19 -0.85 11.24
C LEU A 28 -20.97 0.54 10.67
N ARG A 29 -21.60 0.82 9.54
CA ARG A 29 -21.62 2.17 8.97
CA ARG A 29 -21.63 2.17 8.95
C ARG A 29 -22.96 2.83 9.32
N THR A 30 -22.91 4.12 9.71
CA THR A 30 -24.12 4.91 9.96
C THR A 30 -23.92 6.28 9.30
N ALA A 31 -24.99 7.08 9.21
CA ALA A 31 -24.82 8.44 8.68
C ALA A 31 -24.11 9.31 9.72
N LYS A 32 -23.24 10.22 9.26
CA LYS A 32 -22.46 11.02 10.19
C LYS A 32 -23.32 11.76 11.23
N ASP A 33 -22.97 11.55 12.50
CA ASP A 33 -23.60 12.17 13.66
C ASP A 33 -25.10 11.91 13.77
N ASP A 34 -25.64 10.93 13.07
CA ASP A 34 -27.06 10.63 13.16
C ASP A 34 -27.35 9.64 14.26
N ILE A 35 -26.41 8.75 14.52
CA ILE A 35 -26.60 7.68 15.51
C ILE A 35 -25.74 8.01 16.71
N VAL A 36 -26.37 7.98 17.91
N VAL A 36 -26.34 7.98 17.92
CA VAL A 36 -25.72 8.34 19.16
CA VAL A 36 -25.54 8.35 19.09
C VAL A 36 -24.96 7.16 19.76
C VAL A 36 -24.95 7.15 19.81
N SER A 37 -25.50 5.96 19.61
CA SER A 37 -24.92 4.79 20.26
C SER A 37 -25.29 3.54 19.47
N VAL A 38 -24.38 2.57 19.51
CA VAL A 38 -24.58 1.26 18.91
C VAL A 38 -24.11 0.20 19.88
N GLU A 39 -25.00 -0.77 20.16
CA GLU A 39 -24.59 -1.95 20.93
C GLU A 39 -24.70 -3.17 20.02
N LEU A 40 -23.83 -4.15 20.22
CA LEU A 40 -23.89 -5.41 19.48
C LEU A 40 -24.58 -6.48 20.34
N LEU A 41 -25.54 -7.19 19.78
CA LEU A 41 -26.11 -8.37 20.41
C LEU A 41 -25.51 -9.57 19.69
N ALA A 42 -24.77 -10.43 20.40
CA ALA A 42 -24.03 -11.48 19.67
C ALA A 42 -23.75 -12.69 20.53
N GLY A 43 -23.71 -13.85 19.87
CA GLY A 43 -23.35 -15.09 20.58
C GLY A 43 -23.48 -16.28 19.64
N ASP A 44 -23.35 -17.49 20.22
CA ASP A 44 -23.47 -18.69 19.38
C ASP A 44 -24.90 -18.88 18.87
N PRO A 45 -25.15 -18.95 17.55
CA PRO A 45 -26.54 -19.08 17.06
C PRO A 45 -27.32 -20.22 17.70
N TYR A 46 -26.65 -21.36 17.89
CA TYR A 46 -27.32 -22.54 18.40
C TYR A 46 -27.61 -22.44 19.90
N SER A 47 -26.94 -21.52 20.60
CA SER A 47 -27.15 -21.46 22.06
C SER A 47 -28.58 -21.05 22.41
N LEU A 48 -29.27 -20.28 21.54
CA LEU A 48 -30.59 -19.74 21.85
C LEU A 48 -31.58 -20.84 22.20
N ARG A 49 -31.71 -21.84 21.33
N ARG A 49 -31.72 -21.84 21.33
CA ARG A 49 -32.69 -22.90 21.57
CA ARG A 49 -32.71 -22.88 21.57
C ARG A 49 -32.07 -24.15 22.17
C ARG A 49 -32.11 -24.25 21.89
N SER A 50 -30.78 -24.37 21.97
CA SER A 50 -30.21 -25.66 22.35
C SER A 50 -29.81 -25.74 23.81
N LEU A 51 -29.39 -24.63 24.43
CA LEU A 51 -28.89 -24.71 25.82
C LEU A 51 -30.04 -24.62 26.81
N PRO A 52 -29.99 -25.44 27.87
CA PRO A 52 -31.10 -25.43 28.83
C PRO A 52 -31.14 -24.18 29.70
N THR A 53 -30.11 -23.34 29.71
CA THR A 53 -30.12 -22.17 30.58
C THR A 53 -31.17 -21.13 30.17
N ASP A 54 -31.55 -20.30 31.15
CA ASP A 54 -32.44 -19.18 30.91
C ASP A 54 -31.74 -18.01 30.25
N GLU A 55 -30.44 -17.87 30.50
CA GLU A 55 -29.63 -16.80 29.91
C GLU A 55 -29.68 -16.91 28.39
N LYS A 56 -29.75 -15.77 27.70
CA LYS A 56 -29.72 -15.73 26.23
C LYS A 56 -28.68 -14.71 25.81
N PHE A 57 -27.99 -14.93 24.67
CA PHE A 57 -26.88 -14.02 24.41
C PHE A 57 -27.34 -12.58 24.21
N TYR A 58 -28.57 -12.38 23.77
CA TYR A 58 -29.00 -11.04 23.45
C TYR A 58 -29.31 -10.22 24.70
N GLN A 59 -29.26 -10.84 25.87
CA GLN A 59 -29.51 -10.10 27.10
C GLN A 59 -28.31 -9.31 27.59
N VAL A 60 -27.12 -9.51 27.03
CA VAL A 60 -25.93 -8.77 27.47
C VAL A 60 -25.28 -8.15 26.24
N PRO A 61 -25.73 -6.97 25.84
CA PRO A 61 -25.10 -6.26 24.71
C PRO A 61 -23.64 -5.93 24.97
N LYS A 62 -22.93 -5.71 23.86
CA LYS A 62 -21.55 -5.26 23.86
C LYS A 62 -21.51 -3.87 23.23
N GLN A 63 -20.85 -2.90 23.89
CA GLN A 63 -20.84 -1.56 23.34
C GLN A 63 -19.88 -1.49 22.14
N MET A 64 -20.32 -0.84 21.06
CA MET A 64 -19.46 -0.54 19.93
C MET A 64 -18.91 0.89 20.09
N THR A 65 -17.74 1.12 19.49
CA THR A 65 -17.05 2.42 19.60
C THR A 65 -17.03 3.08 18.22
N LYS A 66 -17.34 4.38 18.18
CA LYS A 66 -17.22 5.13 16.92
C LYS A 66 -15.75 5.41 16.70
N ILE A 67 -15.16 4.84 15.64
CA ILE A 67 -13.71 4.91 15.46
C ILE A 67 -13.28 5.95 14.43
N MET A 68 -14.07 6.18 13.37
CA MET A 68 -13.71 7.13 12.33
CA MET A 68 -13.71 7.07 12.27
C MET A 68 -14.96 7.73 11.72
N SER A 69 -14.77 8.89 11.04
CA SER A 69 -15.84 9.46 10.23
C SER A 69 -15.21 9.95 8.93
N ASP A 70 -15.92 9.77 7.82
CA ASP A 70 -15.42 10.32 6.55
C ASP A 70 -16.19 11.55 6.07
N GLY A 71 -16.91 12.22 6.96
CA GLY A 71 -17.70 13.38 6.57
C GLY A 71 -19.09 13.05 6.06
N ILE A 72 -19.31 11.81 5.61
CA ILE A 72 -20.61 11.36 5.14
C ILE A 72 -21.17 10.32 6.11
N SER A 73 -20.31 9.40 6.51
CA SER A 73 -20.67 8.27 7.36
C SER A 73 -19.78 8.25 8.60
N ASP A 74 -20.31 7.64 9.66
CA ASP A 74 -19.54 7.27 10.84
C ASP A 74 -19.34 5.77 10.79
N PHE A 75 -18.22 5.32 11.32
CA PHE A 75 -17.89 3.90 11.36
C PHE A 75 -17.68 3.45 12.79
N TRP A 76 -18.32 2.36 13.16
CA TRP A 76 -18.30 1.83 14.51
C TRP A 76 -17.65 0.44 14.51
N GLN A 77 -16.99 0.07 15.61
CA GLN A 77 -16.27 -1.23 15.59
C GLN A 77 -16.33 -1.85 16.98
N VAL A 78 -16.28 -3.19 17.00
CA VAL A 78 -16.14 -3.94 18.26
C VAL A 78 -15.42 -5.25 17.94
N THR A 79 -14.71 -5.78 18.94
CA THR A 79 -14.04 -7.07 18.82
C THR A 79 -14.85 -8.04 19.67
N VAL A 80 -15.12 -9.23 19.15
CA VAL A 80 -15.95 -10.22 19.86
C VAL A 80 -15.18 -11.53 19.96
N THR A 81 -15.20 -12.16 21.15
CA THR A 81 -14.58 -13.47 21.33
C THR A 81 -15.67 -14.50 21.59
N GLU A 82 -15.57 -15.66 20.96
CA GLU A 82 -16.60 -16.68 21.12
C GLU A 82 -15.98 -18.06 21.08
N PRO A 83 -15.92 -18.76 22.22
CA PRO A 83 -15.26 -20.09 22.25
C PRO A 83 -15.88 -21.13 21.33
N LYS A 84 -17.21 -21.07 21.08
CA LYS A 84 -17.84 -22.03 20.16
C LYS A 84 -17.51 -21.72 18.70
N ARG A 85 -16.87 -20.57 18.42
N ARG A 85 -16.89 -20.56 18.44
CA ARG A 85 -16.38 -20.24 17.07
CA ARG A 85 -16.40 -20.18 17.10
C ARG A 85 -17.50 -20.11 16.04
C ARG A 85 -17.51 -20.16 16.06
N ARG A 86 -18.72 -19.80 16.49
CA ARG A 86 -19.87 -19.56 15.63
C ARG A 86 -20.56 -18.30 16.15
N LEU A 87 -20.93 -17.36 15.27
CA LEU A 87 -21.49 -16.10 15.79
C LEU A 87 -22.71 -15.64 15.02
N ALA A 88 -23.80 -15.35 15.73
CA ALA A 88 -24.97 -14.63 15.24
C ALA A 88 -24.97 -13.26 15.89
N TYR A 89 -25.30 -12.21 15.13
CA TYR A 89 -25.23 -10.88 15.74
C TYR A 89 -26.19 -9.91 15.08
N ALA A 90 -26.55 -8.88 15.85
CA ALA A 90 -27.43 -7.81 15.36
C ALA A 90 -27.06 -6.53 16.11
N PHE A 91 -27.53 -5.41 15.61
CA PHE A 91 -27.10 -4.11 16.14
C PHE A 91 -28.29 -3.39 16.76
N LEU A 92 -28.08 -2.83 17.94
CA LEU A 92 -29.05 -1.94 18.56
CA LEU A 92 -29.05 -1.95 18.57
C LEU A 92 -28.57 -0.52 18.31
N VAL A 93 -29.28 0.20 17.46
CA VAL A 93 -28.90 1.56 17.05
C VAL A 93 -29.87 2.57 17.64
N THR A 94 -29.32 3.68 18.20
CA THR A 94 -30.21 4.71 18.74
C THR A 94 -29.85 6.06 18.13
N ASP A 95 -30.83 6.77 17.59
CA ASP A 95 -30.55 8.04 16.88
C ASP A 95 -30.58 9.24 17.83
N MET A 96 -30.42 10.43 17.25
CA MET A 96 -30.26 11.63 18.09
C MET A 96 -31.56 12.00 18.80
N LEU A 97 -32.70 11.57 18.33
CA LEU A 97 -33.95 11.80 19.02
C LEU A 97 -34.25 10.72 20.03
N GLY A 98 -33.35 9.75 20.19
CA GLY A 98 -33.60 8.66 21.12
C GLY A 98 -34.41 7.53 20.55
N ILE A 99 -34.57 7.41 19.24
CA ILE A 99 -35.36 6.29 18.69
C ILE A 99 -34.40 5.13 18.53
N GLN A 100 -34.75 4.00 19.12
CA GLN A 100 -33.90 2.81 19.14
CA GLN A 100 -33.88 2.82 19.10
C GLN A 100 -34.51 1.74 18.25
N LYS A 101 -33.69 1.09 17.42
CA LYS A 101 -34.15 -0.03 16.61
C LYS A 101 -33.09 -1.09 16.60
N ILE A 102 -33.52 -2.33 16.32
CA ILE A 102 -32.59 -3.41 16.05
CA ILE A 102 -32.60 -3.41 16.06
C ILE A 102 -32.45 -3.56 14.55
N TYR A 103 -31.21 -3.72 14.10
CA TYR A 103 -30.85 -3.87 12.70
C TYR A 103 -30.17 -5.22 12.56
N SER A 104 -30.72 -6.05 11.69
CA SER A 104 -30.20 -7.40 11.52
C SER A 104 -30.27 -7.78 10.05
N ASP A 105 -29.90 -9.03 9.79
CA ASP A 105 -29.97 -9.54 8.40
C ASP A 105 -31.40 -9.47 7.83
N LYS A 106 -32.41 -9.34 8.69
CA LYS A 106 -33.79 -9.29 8.26
C LYS A 106 -34.29 -7.86 8.16
N GLY A 107 -33.45 -6.85 8.48
CA GLY A 107 -33.83 -5.46 8.35
C GLY A 107 -33.92 -4.73 9.68
N PHE A 108 -34.80 -3.73 9.76
CA PHE A 108 -34.95 -2.87 10.95
C PHE A 108 -36.24 -3.14 11.72
N PHE A 109 -36.15 -3.24 13.04
CA PHE A 109 -37.29 -3.61 13.89
C PHE A 109 -37.29 -2.82 15.20
N LYS A 110 -38.47 -2.55 15.76
CA LYS A 110 -38.50 -2.32 17.20
C LYS A 110 -38.07 -3.57 17.97
N VAL A 111 -37.35 -3.37 19.09
CA VAL A 111 -36.87 -4.50 19.91
C VAL A 111 -38.00 -5.45 20.24
N ALA A 112 -39.17 -4.90 20.58
CA ALA A 112 -40.32 -5.71 20.96
C ALA A 112 -40.82 -6.60 19.83
N ASP A 113 -40.57 -6.23 18.57
CA ASP A 113 -41.00 -6.98 17.40
C ASP A 113 -39.93 -7.92 16.84
N ALA A 114 -38.76 -7.95 17.41
CA ALA A 114 -37.65 -8.71 16.84
C ALA A 114 -37.77 -10.17 17.26
N ASP A 115 -37.52 -11.10 16.33
CA ASP A 115 -37.55 -12.52 16.65
C ASP A 115 -36.20 -12.99 17.19
N LEU A 116 -35.89 -12.57 18.44
CA LEU A 116 -34.54 -12.74 18.95
C LEU A 116 -34.21 -14.20 19.29
N MET A 117 -35.22 -15.07 19.36
CA MET A 117 -34.94 -16.47 19.64
C MET A 117 -34.67 -17.30 18.39
N ASP A 118 -34.81 -16.73 17.20
CA ASP A 118 -34.57 -17.42 15.92
C ASP A 118 -33.17 -17.09 15.45
N MET A 119 -32.27 -18.09 15.44
CA MET A 119 -30.92 -17.79 14.97
C MET A 119 -30.91 -17.14 13.59
N ASN A 120 -31.92 -17.40 12.73
CA ASN A 120 -31.88 -16.88 11.35
C ASN A 120 -32.29 -15.43 11.27
N PHE A 121 -32.74 -14.85 12.39
CA PHE A 121 -33.00 -13.41 12.42
C PHE A 121 -31.70 -12.62 12.24
N TYR A 122 -30.58 -13.17 12.71
CA TYR A 122 -29.34 -12.44 12.89
C TYR A 122 -28.44 -12.48 11.65
N PHE A 123 -27.57 -11.48 11.51
CA PHE A 123 -26.37 -11.65 10.67
C PHE A 123 -25.55 -12.82 11.20
N ARG A 124 -24.78 -13.47 10.31
CA ARG A 124 -23.98 -14.61 10.76
C ARG A 124 -22.51 -14.53 10.34
N MET A 125 -21.58 -14.91 11.27
N MET A 125 -21.57 -14.84 11.26
CA MET A 125 -20.22 -15.41 11.04
CA MET A 125 -20.24 -15.39 10.96
C MET A 125 -20.16 -16.92 11.32
C MET A 125 -20.30 -16.89 11.30
N PRO A 126 -20.40 -17.78 10.33
CA PRO A 126 -20.96 -19.11 10.65
C PRO A 126 -20.01 -20.01 11.40
N PHE A 127 -18.74 -20.04 11.00
CA PHE A 127 -17.72 -20.71 11.78
C PHE A 127 -16.47 -19.89 11.54
N PHE A 128 -15.66 -19.70 12.57
CA PHE A 128 -14.51 -18.81 12.42
C PHE A 128 -13.39 -19.53 11.69
N GLN A 129 -13.16 -19.22 10.41
CA GLN A 129 -12.27 -20.02 9.58
C GLN A 129 -10.91 -19.35 9.46
N THR A 130 -9.90 -19.84 10.17
CA THR A 130 -8.63 -19.12 9.99
C THR A 130 -8.02 -19.36 8.61
N ILE A 131 -8.40 -20.44 7.92
CA ILE A 131 -7.83 -20.65 6.58
C ILE A 131 -8.27 -19.54 5.61
N ASP A 132 -9.42 -18.91 5.87
CA ASP A 132 -9.96 -17.86 5.02
C ASP A 132 -9.52 -16.46 5.47
N GLN A 133 -8.79 -16.32 6.57
CA GLN A 133 -8.60 -15.01 7.14
C GLN A 133 -7.42 -14.28 6.47
N TYR A 134 -7.40 -12.95 6.66
CA TYR A 134 -6.28 -12.11 6.25
C TYR A 134 -5.15 -12.27 7.27
N ASN A 135 -3.93 -12.49 6.79
CA ASN A 135 -2.72 -12.52 7.61
C ASN A 135 -1.71 -11.47 7.17
N ALA A 136 -1.20 -10.71 8.11
CA ALA A 136 -0.14 -9.73 7.79
C ALA A 136 1.24 -10.27 8.21
N PRO A 137 2.23 -10.30 7.33
CA PRO A 137 3.60 -10.70 7.75
C PRO A 137 4.22 -9.67 8.69
N GLU A 138 4.71 -10.14 9.85
CA GLU A 138 5.14 -9.19 10.87
C GLU A 138 6.38 -8.42 10.45
N TRP A 139 7.26 -9.01 9.61
CA TRP A 139 8.53 -8.31 9.31
C TRP A 139 8.27 -6.99 8.58
N VAL A 140 7.13 -6.89 7.88
CA VAL A 140 6.85 -5.66 7.14
C VAL A 140 6.68 -4.48 8.09
N THR A 141 6.16 -4.73 9.32
CA THR A 141 6.00 -3.70 10.32
C THR A 141 7.27 -2.89 10.53
N ASP A 142 8.44 -3.56 10.55
CA ASP A 142 9.63 -2.82 10.88
C ASP A 142 10.35 -2.27 9.64
N THR A 143 9.72 -2.28 8.49
CA THR A 143 10.43 -1.95 7.25
CA THR A 143 10.42 -1.95 7.25
C THR A 143 10.26 -0.48 6.85
N VAL A 144 11.31 0.10 6.30
CA VAL A 144 11.23 1.34 5.53
C VAL A 144 11.87 1.00 4.18
N TRP A 145 11.13 1.23 3.10
CA TRP A 145 11.59 0.78 1.79
C TRP A 145 12.34 1.89 1.05
N TYR A 146 13.19 1.46 0.11
CA TYR A 146 13.89 2.38 -0.79
C TYR A 146 13.73 1.86 -2.21
N GLN A 147 13.15 2.66 -3.11
CA GLN A 147 12.83 2.20 -4.45
C GLN A 147 13.94 2.60 -5.42
N ILE A 148 14.52 1.61 -6.11
CA ILE A 148 15.60 1.85 -7.07
C ILE A 148 15.12 1.54 -8.49
N PHE A 149 15.26 2.53 -9.41
CA PHE A 149 15.07 2.35 -10.85
C PHE A 149 16.45 2.04 -11.41
N PRO A 150 16.78 0.78 -11.69
CA PRO A 150 18.21 0.37 -11.74
C PRO A 150 19.02 1.04 -12.83
N GLU A 151 18.40 1.41 -13.96
CA GLU A 151 19.17 2.11 -15.01
C GLU A 151 19.77 3.42 -14.49
N ARG A 152 19.25 3.98 -13.39
CA ARG A 152 19.61 5.34 -13.00
C ARG A 152 20.19 5.47 -11.60
N PHE A 153 20.48 4.36 -10.91
CA PHE A 153 20.97 4.49 -9.53
C PHE A 153 22.50 4.60 -9.48
N ALA A 154 23.21 3.64 -10.05
CA ALA A 154 24.67 3.77 -10.04
C ALA A 154 25.24 2.86 -11.13
N ASN A 155 26.22 3.37 -11.89
CA ASN A 155 26.93 2.56 -12.88
C ASN A 155 28.14 1.95 -12.19
N GLY A 156 28.04 0.68 -11.81
CA GLY A 156 29.21 0.02 -11.23
C GLY A 156 30.02 -0.77 -12.24
N ASP A 157 29.66 -0.72 -13.52
CA ASP A 157 30.39 -1.51 -14.52
C ASP A 157 30.17 -0.88 -15.90
N VAL A 158 31.16 -0.13 -16.40
CA VAL A 158 31.00 0.47 -17.74
C VAL A 158 30.98 -0.60 -18.84
N SER A 159 31.50 -1.82 -18.58
CA SER A 159 31.65 -2.81 -19.65
C SER A 159 30.32 -3.42 -20.08
N ASN A 160 29.25 -3.24 -19.31
CA ASN A 160 27.96 -3.75 -19.71
C ASN A 160 27.05 -2.64 -20.21
N ASP A 161 27.60 -1.43 -20.43
CA ASP A 161 26.74 -0.29 -20.78
C ASP A 161 26.10 -0.49 -22.16
N PRO A 162 24.86 -0.08 -22.33
CA PRO A 162 24.24 -0.04 -23.66
C PRO A 162 25.02 0.85 -24.62
N VAL A 163 24.88 0.54 -25.93
CA VAL A 163 25.43 1.47 -26.91
C VAL A 163 24.73 2.83 -26.77
N GLY A 164 25.52 3.90 -26.90
CA GLY A 164 24.96 5.23 -26.76
C GLY A 164 24.79 5.73 -25.34
N THR A 165 25.34 5.03 -24.34
CA THR A 165 25.26 5.49 -22.95
C THR A 165 25.82 6.89 -22.79
N LYS A 166 25.07 7.75 -22.09
CA LYS A 166 25.44 9.14 -21.85
C LYS A 166 26.26 9.28 -20.58
N PRO A 167 27.06 10.33 -20.46
CA PRO A 167 27.80 10.57 -19.22
C PRO A 167 26.84 10.78 -18.05
N TRP A 168 27.26 10.29 -16.89
CA TRP A 168 26.38 10.33 -15.71
C TRP A 168 26.22 11.78 -15.26
N ASP A 169 24.98 12.30 -15.30
CA ASP A 169 24.79 13.71 -14.99
C ASP A 169 23.40 13.86 -14.41
N SER A 170 23.33 14.03 -13.08
CA SER A 170 22.06 14.19 -12.40
C SER A 170 21.34 15.48 -12.77
N THR A 171 21.98 16.42 -13.45
CA THR A 171 21.30 17.63 -13.91
C THR A 171 20.67 17.48 -15.28
N ASP A 172 20.86 16.34 -15.94
CA ASP A 172 20.24 16.10 -17.24
C ASP A 172 18.72 16.05 -17.12
N HIS A 173 18.05 16.32 -18.24
CA HIS A 173 16.64 16.00 -18.41
C HIS A 173 16.53 14.81 -19.32
N PRO A 174 16.40 13.59 -18.78
CA PRO A 174 16.51 12.40 -19.63
C PRO A 174 15.35 12.28 -20.61
N GLY A 175 15.67 11.82 -21.81
CA GLY A 175 14.63 11.46 -22.76
C GLY A 175 14.11 10.07 -22.53
N ARG A 176 13.02 9.73 -23.25
CA ARG A 176 12.39 8.43 -23.02
CA ARG A 176 12.35 8.43 -23.07
C ARG A 176 13.26 7.25 -23.41
N GLU A 177 14.24 7.44 -24.31
CA GLU A 177 15.06 6.33 -24.80
C GLU A 177 16.52 6.42 -24.36
N ASP A 178 16.85 7.27 -23.38
CA ASP A 178 18.24 7.46 -22.97
C ASP A 178 18.74 6.28 -22.12
N PHE A 179 20.06 6.05 -22.15
CA PHE A 179 20.69 5.11 -21.21
C PHE A 179 21.84 5.80 -20.50
N TYR A 180 21.97 5.54 -19.19
CA TYR A 180 23.08 6.07 -18.40
C TYR A 180 23.96 4.96 -17.80
N GLY A 181 23.57 3.69 -17.97
CA GLY A 181 24.44 2.58 -17.60
C GLY A 181 24.29 2.06 -16.19
N GLY A 182 23.24 2.48 -15.46
CA GLY A 182 23.05 1.94 -14.11
C GLY A 182 22.87 0.43 -14.14
N ASP A 183 23.28 -0.25 -13.06
CA ASP A 183 23.29 -1.72 -13.10
C ASP A 183 23.37 -2.29 -11.68
N LEU A 184 23.36 -3.64 -11.60
CA LEU A 184 23.30 -4.27 -10.28
C LEU A 184 24.59 -4.06 -9.50
N GLN A 185 25.73 -4.02 -10.18
CA GLN A 185 26.97 -3.76 -9.45
C GLN A 185 26.94 -2.40 -8.79
N GLY A 186 26.31 -1.41 -9.44
CA GLY A 186 26.16 -0.10 -8.82
C GLY A 186 25.36 -0.14 -7.53
N ILE A 187 24.31 -0.97 -7.50
CA ILE A 187 23.52 -1.09 -6.26
C ILE A 187 24.38 -1.72 -5.16
N LEU A 188 25.04 -2.83 -5.50
CA LEU A 188 25.98 -3.47 -4.56
C LEU A 188 26.99 -2.46 -4.02
N ASP A 189 27.53 -1.63 -4.91
CA ASP A 189 28.52 -0.63 -4.52
C ASP A 189 28.00 0.37 -3.50
N HIS A 190 26.68 0.59 -3.44
CA HIS A 190 26.16 1.66 -2.57
C HIS A 190 25.25 1.15 -1.47
N LEU A 191 25.35 -0.15 -1.17
CA LEU A 191 24.59 -0.66 -0.03
C LEU A 191 24.92 0.08 1.27
N ASP A 192 26.18 0.54 1.45
CA ASP A 192 26.51 1.32 2.65
C ASP A 192 25.65 2.57 2.76
N HIS A 193 25.42 3.27 1.65
CA HIS A 193 24.52 4.43 1.67
C HIS A 193 23.15 4.04 2.19
N LEU A 194 22.61 2.92 1.70
CA LEU A 194 21.25 2.53 2.13
C LEU A 194 21.24 2.20 3.61
N GLN A 195 22.27 1.50 4.09
CA GLN A 195 22.27 1.14 5.52
C GLN A 195 22.43 2.39 6.40
N GLU A 196 23.25 3.35 5.95
CA GLU A 196 23.43 4.58 6.69
C GLU A 196 22.14 5.41 6.73
N LEU A 197 21.35 5.38 5.64
CA LEU A 197 20.07 6.07 5.63
C LEU A 197 19.08 5.40 6.58
N GLY A 198 19.22 4.10 6.78
CA GLY A 198 18.40 3.37 7.71
C GLY A 198 17.33 2.54 7.06
N ILE A 199 17.41 2.34 5.76
CA ILE A 199 16.32 1.60 5.13
C ILE A 199 16.54 0.10 5.30
N SER A 200 15.44 -0.64 5.24
CA SER A 200 15.52 -2.07 5.49
C SER A 200 14.79 -2.88 4.42
N GLY A 201 14.48 -2.26 3.28
CA GLY A 201 13.88 -3.01 2.20
C GLY A 201 14.20 -2.26 0.92
N ILE A 202 14.59 -2.98 -0.13
CA ILE A 202 14.83 -2.39 -1.45
C ILE A 202 13.75 -2.89 -2.40
N TYR A 203 13.11 -1.98 -3.14
CA TYR A 203 12.13 -2.32 -4.18
C TYR A 203 12.83 -1.98 -5.50
N LEU A 204 13.08 -3.01 -6.32
CA LEU A 204 13.67 -2.80 -7.64
C LEU A 204 12.58 -2.76 -8.70
N ASN A 205 12.66 -1.78 -9.59
CA ASN A 205 11.90 -1.84 -10.83
C ASN A 205 12.44 -3.00 -11.69
N PRO A 206 11.83 -3.35 -12.83
CA PRO A 206 12.17 -4.63 -13.50
C PRO A 206 13.65 -4.76 -13.85
N ILE A 207 14.18 -5.97 -13.67
CA ILE A 207 15.59 -6.24 -13.96
C ILE A 207 15.77 -7.35 -14.97
N PHE A 208 14.69 -7.88 -15.56
CA PHE A 208 14.83 -9.03 -16.46
C PHE A 208 15.05 -8.52 -17.88
N GLN A 209 15.59 -9.38 -18.73
CA GLN A 209 15.99 -8.97 -20.08
C GLN A 209 14.85 -8.30 -20.84
N ALA A 210 15.09 -7.10 -21.35
CA ALA A 210 14.11 -6.28 -22.04
C ALA A 210 14.87 -5.19 -22.81
N PRO A 211 14.37 -4.70 -23.95
CA PRO A 211 15.17 -3.73 -24.73
C PRO A 211 15.18 -2.30 -24.22
N SER A 212 14.28 -1.90 -23.34
CA SER A 212 14.14 -0.50 -22.96
C SER A 212 14.94 -0.13 -21.71
N ASN A 213 14.92 1.17 -21.36
CA ASN A 213 15.61 1.58 -20.12
C ASN A 213 14.78 1.29 -18.88
N HIS A 214 13.48 1.02 -19.01
CA HIS A 214 12.64 0.76 -17.86
C HIS A 214 12.33 -0.72 -17.71
N LYS A 215 12.43 -1.49 -18.81
CA LYS A 215 12.34 -2.94 -18.86
C LYS A 215 10.97 -3.48 -18.47
N TYR A 216 9.90 -2.68 -18.68
CA TYR A 216 8.55 -3.24 -18.58
C TYR A 216 8.08 -3.97 -19.84
N ASP A 217 8.86 -3.91 -20.94
CA ASP A 217 8.52 -4.66 -22.17
C ASP A 217 9.37 -5.94 -22.23
N THR A 218 9.03 -6.87 -21.33
CA THR A 218 9.91 -8.02 -21.05
C THR A 218 10.17 -8.84 -22.30
N GLN A 219 11.44 -9.22 -22.46
CA GLN A 219 11.85 -10.18 -23.48
C GLN A 219 12.00 -11.58 -22.91
N ASP A 220 12.59 -11.72 -21.72
CA ASP A 220 12.81 -13.03 -21.10
C ASP A 220 12.77 -12.89 -19.58
N TYR A 221 11.73 -13.48 -18.95
CA TYR A 221 11.57 -13.33 -17.50
C TYR A 221 12.56 -14.16 -16.71
N MET A 222 13.28 -15.06 -17.39
CA MET A 222 14.14 -16.00 -16.67
C MET A 222 15.61 -15.60 -16.67
N THR A 223 15.93 -14.40 -17.15
CA THR A 223 17.33 -13.94 -17.28
C THR A 223 17.44 -12.51 -16.80
N VAL A 224 18.41 -12.23 -15.94
CA VAL A 224 18.72 -10.84 -15.60
C VAL A 224 19.16 -10.16 -16.87
N ASP A 225 18.68 -8.93 -17.10
CA ASP A 225 19.13 -8.22 -18.30
C ASP A 225 20.66 -8.13 -18.30
N PRO A 226 21.32 -8.46 -19.39
CA PRO A 226 22.80 -8.49 -19.36
C PRO A 226 23.43 -7.10 -19.22
N HIS A 227 22.68 -6.01 -19.48
CA HIS A 227 23.24 -4.70 -19.19
C HIS A 227 23.19 -4.38 -17.70
N PHE A 228 22.42 -5.15 -16.94
CA PHE A 228 22.37 -4.99 -15.50
C PHE A 228 23.27 -5.97 -14.78
N GLY A 229 23.44 -7.18 -15.30
CA GLY A 229 24.28 -8.17 -14.63
C GLY A 229 23.90 -9.58 -15.06
N ASP A 230 24.17 -10.55 -14.17
CA ASP A 230 23.83 -11.94 -14.46
C ASP A 230 23.32 -12.57 -13.18
N ALA A 231 22.99 -13.86 -13.27
CA ALA A 231 22.42 -14.55 -12.12
C ALA A 231 23.36 -14.53 -10.92
N LYS A 232 24.67 -14.78 -11.16
CA LYS A 232 25.63 -14.81 -10.05
C LYS A 232 25.65 -13.48 -9.32
N LEU A 233 25.61 -12.36 -10.08
CA LEU A 233 25.68 -11.04 -9.49
C LEU A 233 24.39 -10.74 -8.72
N PHE A 234 23.25 -11.16 -9.24
CA PHE A 234 22.00 -10.90 -8.51
C PHE A 234 21.97 -11.69 -7.20
N LYS A 235 22.44 -12.94 -7.24
CA LYS A 235 22.52 -13.70 -6.00
C LYS A 235 23.43 -13.02 -4.99
N GLN A 236 24.61 -12.53 -5.46
CA GLN A 236 25.50 -11.78 -4.59
C GLN A 236 24.81 -10.55 -3.99
N LEU A 237 24.03 -9.83 -4.82
CA LEU A 237 23.30 -8.64 -4.33
C LEU A 237 22.26 -9.00 -3.25
N VAL A 238 21.46 -10.04 -3.49
CA VAL A 238 20.45 -10.41 -2.49
C VAL A 238 21.12 -10.86 -1.19
N GLN A 239 22.19 -11.64 -1.30
CA GLN A 239 22.86 -12.07 -0.06
C GLN A 239 23.48 -10.88 0.68
N ALA A 240 24.08 -9.93 -0.05
CA ALA A 240 24.67 -8.77 0.59
C ALA A 240 23.61 -7.89 1.25
N ALA A 241 22.44 -7.74 0.59
CA ALA A 241 21.34 -7.01 1.20
C ALA A 241 20.89 -7.70 2.48
N HIS A 242 20.66 -9.02 2.40
CA HIS A 242 20.19 -9.78 3.55
C HIS A 242 21.17 -9.69 4.71
N GLU A 243 22.47 -9.70 4.41
CA GLU A 243 23.47 -9.59 5.45
CA GLU A 243 23.49 -9.59 5.45
C GLU A 243 23.35 -8.27 6.20
N ARG A 244 22.92 -7.22 5.52
CA ARG A 244 22.73 -5.92 6.14
C ARG A 244 21.34 -5.73 6.73
N GLY A 245 20.52 -6.78 6.78
CA GLY A 245 19.18 -6.64 7.30
C GLY A 245 18.20 -5.99 6.33
N ILE A 246 18.48 -6.07 5.04
CA ILE A 246 17.65 -5.40 4.01
C ILE A 246 16.95 -6.47 3.17
N ARG A 247 15.61 -6.42 3.14
CA ARG A 247 14.85 -7.32 2.31
C ARG A 247 14.79 -6.80 0.87
N VAL A 248 14.41 -7.69 -0.04
CA VAL A 248 14.45 -7.43 -1.48
C VAL A 248 13.09 -7.75 -2.10
N MET A 249 12.52 -6.77 -2.83
CA MET A 249 11.25 -6.93 -3.57
C MET A 249 11.51 -6.67 -5.04
N LEU A 250 11.12 -7.62 -5.90
CA LEU A 250 11.26 -7.45 -7.35
C LEU A 250 9.90 -7.10 -7.95
N ASP A 251 9.97 -6.57 -9.19
CA ASP A 251 8.79 -6.15 -9.98
C ASP A 251 8.39 -7.27 -10.95
N ALA A 252 7.17 -7.79 -10.77
CA ALA A 252 6.61 -8.83 -11.64
C ALA A 252 5.71 -8.16 -12.67
N VAL A 253 6.07 -8.27 -13.95
CA VAL A 253 5.34 -7.61 -15.02
C VAL A 253 4.57 -8.67 -15.77
N PHE A 254 3.42 -9.07 -15.21
CA PHE A 254 2.69 -10.23 -15.71
C PHE A 254 1.45 -9.84 -16.52
N ASN A 255 1.07 -8.57 -16.58
CA ASN A 255 -0.13 -8.22 -17.33
C ASN A 255 0.10 -8.29 -18.84
N HIS A 256 1.33 -8.06 -19.27
CA HIS A 256 1.68 -8.02 -20.69
C HIS A 256 3.13 -8.43 -20.81
N ILE A 257 3.51 -8.80 -22.03
CA ILE A 257 4.88 -9.18 -22.35
C ILE A 257 5.36 -8.20 -23.41
N GLY A 258 6.69 -8.09 -23.59
CA GLY A 258 7.20 -7.21 -24.66
C GLY A 258 7.11 -7.87 -26.04
N ASP A 259 7.00 -7.04 -27.06
CA ASP A 259 6.83 -7.59 -28.38
C ASP A 259 8.11 -8.21 -28.96
N LYS A 260 9.26 -8.08 -28.31
CA LYS A 260 10.45 -8.79 -28.76
C LYS A 260 10.64 -10.12 -28.06
N SER A 261 9.66 -10.54 -27.26
CA SER A 261 9.73 -11.84 -26.61
C SER A 261 9.65 -12.96 -27.65
N VAL A 262 10.22 -14.13 -27.29
CA VAL A 262 10.11 -15.29 -28.18
C VAL A 262 8.66 -15.56 -28.54
N GLN A 263 7.77 -15.47 -27.54
CA GLN A 263 6.37 -15.83 -27.70
C GLN A 263 5.67 -14.90 -28.71
N TRP A 264 5.85 -13.60 -28.55
CA TRP A 264 5.19 -12.70 -29.49
C TRP A 264 5.81 -12.80 -30.88
N GLN A 265 7.14 -12.94 -30.95
CA GLN A 265 7.76 -13.09 -32.27
C GLN A 265 7.25 -14.33 -32.97
N ASP A 266 6.94 -15.39 -32.20
CA ASP A 266 6.37 -16.58 -32.81
C ASP A 266 4.98 -16.29 -33.36
N VAL A 267 4.17 -15.49 -32.64
CA VAL A 267 2.88 -15.08 -33.18
C VAL A 267 3.04 -14.31 -34.48
N LEU A 268 4.04 -13.42 -34.55
CA LEU A 268 4.21 -12.65 -35.77
C LEU A 268 4.65 -13.53 -36.94
N LYS A 269 5.44 -14.57 -36.67
CA LYS A 269 5.90 -15.47 -37.74
C LYS A 269 4.80 -16.44 -38.17
N ASN A 270 4.06 -17.02 -37.22
CA ASN A 270 3.20 -18.15 -37.53
C ASN A 270 1.71 -17.85 -37.48
N GLU A 271 1.30 -16.66 -37.06
CA GLU A 271 -0.10 -16.23 -36.98
C GLU A 271 -0.86 -17.20 -36.07
N GLN A 272 -2.08 -17.60 -36.46
CA GLN A 272 -2.85 -18.43 -35.54
C GLN A 272 -2.25 -19.84 -35.41
N ALA A 273 -1.35 -20.26 -36.33
CA ALA A 273 -0.67 -21.53 -36.12
C ALA A 273 0.42 -21.46 -35.05
N SER A 274 0.66 -20.30 -34.45
CA SER A 274 1.66 -20.24 -33.38
C SER A 274 1.19 -21.03 -32.15
N PRO A 275 2.08 -21.80 -31.52
CA PRO A 275 1.73 -22.43 -30.24
C PRO A 275 1.38 -21.40 -29.16
N TYR A 276 1.70 -20.12 -29.36
CA TYR A 276 1.41 -19.08 -28.37
C TYR A 276 0.24 -18.19 -28.76
N ALA A 277 -0.50 -18.50 -29.85
CA ALA A 277 -1.61 -17.63 -30.25
C ALA A 277 -2.58 -17.35 -29.11
N ASP A 278 -2.92 -18.39 -28.33
CA ASP A 278 -3.90 -18.23 -27.28
C ASP A 278 -3.27 -17.80 -25.95
N TRP A 279 -1.98 -17.49 -25.94
CA TRP A 279 -1.35 -16.82 -24.80
C TRP A 279 -1.67 -15.35 -24.78
N PHE A 280 -2.30 -14.85 -25.82
CA PHE A 280 -2.58 -13.43 -26.00
C PHE A 280 -4.06 -13.22 -26.26
N HIS A 281 -4.45 -11.98 -26.56
CA HIS A 281 -5.83 -11.59 -26.83
C HIS A 281 -5.87 -11.01 -28.25
N ILE A 282 -5.84 -11.88 -29.25
CA ILE A 282 -5.70 -11.44 -30.63
C ILE A 282 -7.07 -11.50 -31.29
N HIS A 283 -7.54 -10.34 -31.77
CA HIS A 283 -8.87 -10.22 -32.33
C HIS A 283 -8.87 -10.62 -33.80
N GLN A 284 -7.80 -10.28 -34.50
CA GLN A 284 -7.72 -10.60 -35.91
CA GLN A 284 -7.71 -10.52 -35.93
C GLN A 284 -6.27 -10.89 -36.26
N PHE A 285 -6.07 -11.96 -37.06
CA PHE A 285 -4.73 -12.29 -37.55
C PHE A 285 -4.59 -11.80 -38.97
N PRO A 286 -3.39 -11.39 -39.41
CA PRO A 286 -2.16 -11.34 -38.61
C PRO A 286 -2.26 -10.26 -37.55
N ALA A 287 -1.49 -10.41 -36.48
CA ALA A 287 -1.48 -9.39 -35.44
C ALA A 287 -0.73 -8.16 -35.95
N THR A 288 -1.42 -7.04 -36.05
CA THR A 288 -0.83 -5.89 -36.72
C THR A 288 -1.30 -4.60 -36.07
N TYR A 289 -0.70 -3.48 -36.50
CA TYR A 289 -1.10 -2.15 -36.06
C TYR A 289 -0.52 -1.15 -37.05
N THR A 290 -1.06 0.07 -37.03
CA THR A 290 -0.53 1.15 -37.86
C THR A 290 0.38 2.02 -37.01
N PRO A 291 1.67 2.11 -37.32
CA PRO A 291 2.57 2.93 -36.50
C PRO A 291 2.15 4.39 -36.56
N THR A 292 2.44 5.11 -35.48
CA THR A 292 2.26 6.56 -35.40
C THR A 292 3.59 7.20 -35.00
N ASP A 293 3.61 8.54 -34.96
CA ASP A 293 4.82 9.24 -34.57
C ASP A 293 5.21 9.04 -33.11
N ASN A 294 4.31 8.48 -32.30
CA ASN A 294 4.59 8.17 -30.90
C ASN A 294 4.78 6.67 -30.82
N PHE A 295 6.01 6.24 -30.51
N PHE A 295 5.99 6.21 -30.48
CA PHE A 295 6.36 4.80 -30.40
CA PHE A 295 6.23 4.77 -30.52
C PHE A 295 5.34 4.07 -29.53
C PHE A 295 5.40 4.03 -29.48
N GLU A 296 4.86 4.74 -28.48
CA GLU A 296 4.01 4.10 -27.48
C GLU A 296 2.51 4.15 -27.78
N PHE A 297 2.11 4.51 -29.00
CA PHE A 297 0.68 4.62 -29.32
C PHE A 297 0.36 4.04 -30.69
N ALA A 298 -0.68 3.21 -30.74
CA ALA A 298 -1.32 2.86 -31.99
C ALA A 298 -2.82 2.86 -31.79
N ALA A 299 -3.55 3.30 -32.81
CA ALA A 299 -4.99 3.42 -32.63
C ALA A 299 -5.74 2.14 -32.96
N ASP A 300 -5.11 1.18 -33.66
CA ASP A 300 -5.86 0.09 -34.28
C ASP A 300 -5.18 -1.26 -34.14
N ALA A 301 -4.44 -1.50 -33.05
CA ALA A 301 -3.83 -2.83 -32.96
C ALA A 301 -4.90 -3.89 -32.89
N THR A 302 -4.65 -5.03 -33.53
CA THR A 302 -5.65 -6.07 -33.60
C THR A 302 -5.56 -7.02 -32.42
N TYR A 303 -4.90 -6.58 -31.36
CA TYR A 303 -4.76 -7.38 -30.16
C TYR A 303 -4.83 -6.46 -28.95
N ASP A 304 -5.32 -6.98 -27.81
CA ASP A 304 -5.33 -6.11 -26.64
C ASP A 304 -3.92 -5.83 -26.15
N THR A 305 -3.73 -4.64 -25.58
CA THR A 305 -2.42 -4.20 -25.09
C THR A 305 -2.54 -3.53 -23.74
N PHE A 306 -1.41 -3.34 -23.07
CA PHE A 306 -1.37 -2.31 -22.04
C PHE A 306 -1.70 -0.99 -22.72
N ASP A 307 -2.56 -0.20 -22.09
CA ASP A 307 -2.92 1.14 -22.61
C ASP A 307 -3.22 1.01 -24.10
N TYR A 308 -2.54 1.77 -24.97
CA TYR A 308 -2.65 1.64 -26.42
C TYR A 308 -1.27 1.44 -27.04
N THR A 309 -0.32 0.88 -26.29
CA THR A 309 1.02 0.67 -26.89
C THR A 309 1.10 -0.68 -27.60
N PRO A 310 1.47 -0.72 -28.88
CA PRO A 310 1.52 -1.98 -29.59
C PRO A 310 2.67 -2.84 -29.15
N HIS A 311 3.61 -2.30 -28.37
CA HIS A 311 4.77 -3.08 -27.96
C HIS A 311 4.53 -3.89 -26.72
N MET A 312 3.33 -3.82 -26.13
CA MET A 312 3.04 -4.55 -24.89
C MET A 312 1.76 -5.35 -25.03
N PRO A 313 1.77 -6.41 -25.84
CA PRO A 313 0.58 -7.27 -25.94
C PRO A 313 0.18 -7.86 -24.59
N LYS A 314 -1.12 -7.82 -24.31
CA LYS A 314 -1.65 -8.34 -23.04
C LYS A 314 -1.57 -9.86 -23.02
N LEU A 315 -1.13 -10.41 -21.88
CA LEU A 315 -1.12 -11.87 -21.69
C LEU A 315 -2.51 -12.40 -21.31
N ASN A 316 -2.85 -13.57 -21.83
CA ASN A 316 -4.12 -14.23 -21.47
C ASN A 316 -3.88 -15.11 -20.26
N THR A 317 -4.01 -14.52 -19.06
CA THR A 317 -3.71 -15.24 -17.83
C THR A 317 -4.81 -16.24 -17.45
N SER A 318 -5.91 -16.34 -18.22
CA SER A 318 -6.86 -17.44 -18.03
CA SER A 318 -6.88 -17.44 -18.04
C SER A 318 -6.44 -18.74 -18.70
N ASN A 319 -5.48 -18.68 -19.60
CA ASN A 319 -4.98 -19.87 -20.29
C ASN A 319 -4.08 -20.65 -19.34
N PRO A 320 -4.34 -21.93 -19.11
CA PRO A 320 -3.55 -22.68 -18.11
C PRO A 320 -2.07 -22.78 -18.47
N GLU A 321 -1.71 -22.72 -19.77
CA GLU A 321 -0.30 -22.71 -20.13
C GLU A 321 0.36 -21.42 -19.68
N VAL A 322 -0.38 -20.29 -19.74
CA VAL A 322 0.16 -19.01 -19.26
C VAL A 322 0.25 -19.02 -17.75
N VAL A 323 -0.79 -19.54 -17.09
CA VAL A 323 -0.73 -19.65 -15.62
C VAL A 323 0.52 -20.42 -15.21
N ASP A 324 0.75 -21.59 -15.83
CA ASP A 324 1.92 -22.39 -15.47
C ASP A 324 3.24 -21.66 -15.72
N TYR A 325 3.34 -20.99 -16.88
CA TYR A 325 4.53 -20.22 -17.23
C TYR A 325 4.83 -19.15 -16.17
N LEU A 326 3.81 -18.36 -15.83
CA LEU A 326 4.00 -17.26 -14.89
C LEU A 326 4.28 -17.77 -13.47
N LEU A 327 3.57 -18.81 -13.04
CA LEU A 327 3.84 -19.35 -11.70
C LEU A 327 5.25 -19.92 -11.62
N ASN A 328 5.74 -20.55 -12.69
N ASN A 328 5.73 -20.54 -12.69
CA ASN A 328 7.11 -21.05 -12.66
CA ASN A 328 7.10 -21.05 -12.69
C ASN A 328 8.13 -19.92 -12.58
C ASN A 328 8.12 -19.91 -12.57
N ILE A 329 7.89 -18.81 -13.29
CA ILE A 329 8.74 -17.62 -13.13
C ILE A 329 8.72 -17.09 -11.69
N ALA A 330 7.51 -16.92 -11.14
CA ALA A 330 7.37 -16.36 -9.79
C ALA A 330 8.07 -17.24 -8.76
N THR A 331 8.01 -18.57 -8.94
N THR A 331 7.96 -18.57 -8.93
CA THR A 331 8.65 -19.42 -7.96
CA THR A 331 8.63 -19.54 -8.07
C THR A 331 10.15 -19.56 -8.21
C THR A 331 10.14 -19.46 -8.21
N TYR A 332 10.62 -19.36 -9.44
CA TYR A 332 12.06 -19.46 -9.69
C TYR A 332 12.83 -18.39 -8.95
N TRP A 333 12.37 -17.13 -9.03
CA TRP A 333 13.17 -16.10 -8.40
C TRP A 333 13.14 -16.20 -6.87
N VAL A 334 12.03 -16.70 -6.31
CA VAL A 334 11.95 -16.87 -4.85
C VAL A 334 12.80 -18.05 -4.41
N LYS A 335 12.67 -19.18 -5.10
CA LYS A 335 13.37 -20.40 -4.69
C LYS A 335 14.88 -20.29 -4.90
N GLU A 336 15.31 -19.76 -6.06
CA GLU A 336 16.73 -19.77 -6.34
C GLU A 336 17.44 -18.56 -5.80
N PHE A 337 16.74 -17.43 -5.55
CA PHE A 337 17.44 -16.23 -5.12
C PHE A 337 16.97 -15.69 -3.78
N ASP A 338 15.93 -16.29 -3.18
CA ASP A 338 15.48 -15.96 -1.84
C ASP A 338 14.95 -14.53 -1.74
N ILE A 339 14.35 -13.99 -2.83
CA ILE A 339 13.73 -12.67 -2.65
C ILE A 339 12.55 -12.77 -1.66
N ASP A 340 12.16 -11.61 -1.11
CA ASP A 340 11.24 -11.52 0.02
C ASP A 340 9.85 -11.08 -0.39
N ALA A 341 9.70 -10.52 -1.59
CA ALA A 341 8.43 -9.93 -2.00
C ALA A 341 8.37 -9.76 -3.52
N TRP A 342 7.13 -9.73 -4.04
CA TRP A 342 6.86 -9.37 -5.43
C TRP A 342 5.95 -8.16 -5.42
N ARG A 343 6.32 -7.14 -6.20
CA ARG A 343 5.45 -6.02 -6.54
C ARG A 343 4.81 -6.33 -7.90
N LEU A 344 3.49 -6.28 -8.00
CA LEU A 344 2.78 -6.73 -9.19
C LEU A 344 2.37 -5.56 -10.06
N ASN A 345 2.98 -5.40 -11.22
CA ASN A 345 2.62 -4.28 -12.10
C ASN A 345 1.22 -4.46 -12.70
N VAL A 346 0.47 -3.35 -12.79
CA VAL A 346 -0.91 -3.31 -13.31
C VAL A 346 -1.73 -4.50 -12.82
N ALA A 347 -1.70 -4.72 -11.51
CA ALA A 347 -2.21 -5.99 -10.98
C ALA A 347 -3.71 -6.11 -11.12
N ASN A 348 -4.40 -4.97 -11.16
CA ASN A 348 -5.85 -4.99 -11.27
C ASN A 348 -6.37 -5.57 -12.59
N GLU A 349 -5.55 -5.60 -13.64
CA GLU A 349 -6.03 -6.04 -14.95
C GLU A 349 -5.82 -7.54 -15.16
N ILE A 350 -5.31 -8.25 -14.15
CA ILE A 350 -5.18 -9.72 -14.16
C ILE A 350 -6.26 -10.30 -13.25
N ASP A 351 -6.76 -11.48 -13.63
CA ASP A 351 -7.96 -12.02 -12.98
C ASP A 351 -7.68 -12.57 -11.57
N HIS A 352 -8.74 -12.55 -10.73
CA HIS A 352 -8.62 -13.06 -9.35
C HIS A 352 -8.25 -14.54 -9.32
N HIS A 353 -8.72 -15.32 -10.29
CA HIS A 353 -8.37 -16.75 -10.30
C HIS A 353 -6.86 -16.96 -10.34
N PHE A 354 -6.17 -16.19 -11.18
CA PHE A 354 -4.71 -16.25 -11.23
C PHE A 354 -4.11 -15.81 -9.90
N TRP A 355 -4.56 -14.69 -9.36
CA TRP A 355 -3.93 -14.19 -8.15
C TRP A 355 -4.11 -15.13 -6.97
N ARG A 356 -5.22 -15.88 -6.92
CA ARG A 356 -5.35 -16.88 -5.85
C ARG A 356 -4.34 -18.00 -6.03
N LYS A 357 -4.13 -18.43 -7.28
CA LYS A 357 -3.10 -19.45 -7.50
C LYS A 357 -1.71 -18.93 -7.16
N PHE A 358 -1.43 -17.68 -7.55
CA PHE A 358 -0.16 -17.04 -7.22
C PHE A 358 0.05 -16.97 -5.71
N HIS A 359 -0.97 -16.51 -4.99
CA HIS A 359 -0.90 -16.42 -3.53
C HIS A 359 -0.59 -17.78 -2.92
N ASP A 360 -1.34 -18.80 -3.33
CA ASP A 360 -1.13 -20.13 -2.76
C ASP A 360 0.29 -20.61 -3.03
N ALA A 361 0.81 -20.35 -4.25
CA ALA A 361 2.16 -20.80 -4.59
C ALA A 361 3.22 -20.08 -3.76
N MET A 362 3.06 -18.76 -3.57
CA MET A 362 4.05 -18.01 -2.82
C MET A 362 4.03 -18.40 -1.35
N MET A 363 2.83 -18.57 -0.77
CA MET A 363 2.76 -18.84 0.67
C MET A 363 3.28 -20.23 0.97
N ALA A 364 3.17 -21.14 -0.01
CA ALA A 364 3.72 -22.47 0.19
C ALA A 364 5.23 -22.44 0.17
N LEU A 365 5.83 -21.53 -0.60
CA LEU A 365 7.28 -21.37 -0.51
C LEU A 365 7.70 -20.64 0.76
N LYS A 366 7.03 -19.54 1.09
CA LYS A 366 7.45 -18.63 2.15
C LYS A 366 6.21 -18.12 2.83
N PRO A 367 5.87 -18.67 3.99
CA PRO A 367 4.61 -18.30 4.62
C PRO A 367 4.50 -16.82 4.98
N ASP A 368 5.63 -16.12 5.11
CA ASP A 368 5.61 -14.68 5.41
C ASP A 368 5.89 -13.83 4.15
N PHE A 369 5.62 -14.38 2.97
CA PHE A 369 5.89 -13.61 1.75
C PHE A 369 5.03 -12.36 1.71
N TYR A 370 5.55 -11.30 1.08
CA TYR A 370 4.80 -10.05 0.93
C TYR A 370 4.42 -9.86 -0.55
N ILE A 371 3.13 -9.73 -0.82
CA ILE A 371 2.62 -9.60 -2.20
C ILE A 371 2.00 -8.21 -2.32
N LEU A 372 2.61 -7.35 -3.13
CA LEU A 372 2.20 -5.95 -3.25
C LEU A 372 1.63 -5.65 -4.62
N GLY A 373 0.35 -5.27 -4.69
CA GLY A 373 -0.27 -5.02 -6.01
C GLY A 373 -0.16 -3.54 -6.36
N GLU A 374 0.15 -3.25 -7.63
CA GLU A 374 0.11 -1.86 -8.11
C GLU A 374 -1.32 -1.59 -8.59
N ILE A 375 -2.11 -0.89 -7.77
CA ILE A 375 -3.49 -0.51 -8.10
C ILE A 375 -3.69 0.89 -7.58
N TRP A 376 -4.20 1.81 -8.43
CA TRP A 376 -4.32 3.21 -8.07
C TRP A 376 -5.71 3.60 -7.59
N HIS A 377 -6.66 2.68 -7.61
CA HIS A 377 -8.04 2.91 -7.17
C HIS A 377 -8.35 1.98 -6.01
N THR A 378 -9.59 2.06 -5.49
CA THR A 378 -9.87 1.20 -4.32
C THR A 378 -9.69 -0.29 -4.66
N SER A 379 -9.21 -1.05 -3.67
CA SER A 379 -8.64 -2.39 -3.94
C SER A 379 -9.22 -3.46 -3.01
N GLN A 380 -10.43 -3.26 -2.53
CA GLN A 380 -10.99 -4.18 -1.53
C GLN A 380 -10.94 -5.63 -2.00
N SER A 381 -11.34 -5.89 -3.27
CA SER A 381 -11.47 -7.29 -3.66
C SER A 381 -10.16 -8.05 -3.81
N TRP A 382 -9.01 -7.36 -3.78
CA TRP A 382 -7.73 -8.05 -3.80
C TRP A 382 -7.10 -8.17 -2.45
N LEU A 383 -7.75 -7.65 -1.39
CA LEU A 383 -7.14 -7.56 -0.07
C LEU A 383 -7.95 -8.31 0.98
N VAL A 384 -8.66 -9.36 0.55
CA VAL A 384 -9.46 -10.17 1.49
C VAL A 384 -8.59 -11.11 2.35
N GLY A 385 -7.42 -11.54 1.82
CA GLY A 385 -6.50 -12.43 2.50
C GLY A 385 -6.08 -13.63 1.65
N ASP A 386 -6.63 -13.73 0.43
CA ASP A 386 -6.37 -14.86 -0.47
C ASP A 386 -5.62 -14.44 -1.73
N GLU A 387 -5.28 -13.15 -1.86
CA GLU A 387 -4.64 -12.65 -3.10
C GLU A 387 -3.44 -11.79 -2.66
N PHE A 388 -3.56 -10.48 -2.59
CA PHE A 388 -2.39 -9.69 -2.19
C PHE A 388 -2.31 -9.47 -0.68
N THR A 389 -1.13 -9.04 -0.23
CA THR A 389 -0.99 -8.53 1.13
C THR A 389 -1.45 -7.07 1.20
N ALA A 390 -1.12 -6.29 0.18
CA ALA A 390 -1.34 -4.85 0.21
C ALA A 390 -1.32 -4.34 -1.22
N VAL A 391 -1.57 -3.04 -1.36
CA VAL A 391 -1.35 -2.36 -2.63
C VAL A 391 -0.47 -1.14 -2.39
N MET A 392 0.14 -0.65 -3.51
CA MET A 392 0.75 0.66 -3.50
C MET A 392 -0.35 1.68 -3.22
N ASN A 393 -0.19 2.48 -2.18
CA ASN A 393 -1.31 3.17 -1.59
C ASN A 393 -1.47 4.58 -2.18
N TYR A 394 -1.54 4.62 -3.51
CA TYR A 394 -1.52 5.91 -4.20
C TYR A 394 -2.74 6.78 -3.87
N SER A 395 -3.91 6.21 -3.56
CA SER A 395 -5.05 7.07 -3.21
C SER A 395 -4.81 7.81 -1.91
N TYR A 396 -4.11 7.15 -0.99
CA TYR A 396 -3.85 7.73 0.32
C TYR A 396 -2.77 8.81 0.26
N THR A 397 -1.61 8.48 -0.37
CA THR A 397 -0.58 9.52 -0.43
C THR A 397 -1.00 10.64 -1.37
N GLY A 398 -1.80 10.35 -2.39
CA GLY A 398 -2.32 11.42 -3.25
C GLY A 398 -3.17 12.41 -2.49
N ALA A 399 -3.98 11.92 -1.55
CA ALA A 399 -4.76 12.85 -0.71
C ALA A 399 -3.86 13.70 0.18
N ILE A 400 -2.80 13.08 0.75
CA ILE A 400 -1.86 13.85 1.55
C ILE A 400 -1.21 14.95 0.71
N LEU A 401 -0.72 14.58 -0.49
CA LEU A 401 -0.10 15.59 -1.35
C LEU A 401 -1.05 16.75 -1.64
N GLN A 402 -2.28 16.42 -2.05
CA GLN A 402 -3.28 17.45 -2.34
C GLN A 402 -3.45 18.42 -1.17
N TYR A 403 -3.53 17.91 0.07
CA TYR A 403 -3.64 18.80 1.23
C TYR A 403 -2.44 19.73 1.36
N PHE A 404 -1.23 19.17 1.34
CA PHE A 404 -0.08 20.02 1.64
C PHE A 404 0.23 21.00 0.52
N LEU A 405 -0.07 20.63 -0.72
CA LEU A 405 0.31 21.47 -1.87
C LEU A 405 -0.76 22.46 -2.26
N GLU A 406 -2.00 22.25 -1.83
CA GLU A 406 -3.06 23.18 -2.22
C GLU A 406 -3.66 23.81 -0.97
N ASN A 407 -4.95 24.18 -0.96
CA ASN A 407 -5.39 24.86 0.26
C ASN A 407 -6.73 24.32 0.77
N GLU A 408 -6.94 23.01 0.64
CA GLU A 408 -8.19 22.48 1.19
C GLU A 408 -8.13 22.47 2.71
N SER A 409 -9.29 22.23 3.33
CA SER A 409 -9.33 22.23 4.77
C SER A 409 -8.69 20.97 5.33
N ALA A 410 -8.26 21.06 6.59
CA ALA A 410 -7.77 19.86 7.26
C ALA A 410 -8.91 18.84 7.40
N ASP A 411 -10.15 19.33 7.55
CA ASP A 411 -11.27 18.38 7.60
C ASP A 411 -11.36 17.54 6.34
N ALA A 412 -11.18 18.14 5.18
CA ALA A 412 -11.23 17.39 3.93
C ALA A 412 -10.20 16.26 3.90
N LEU A 413 -8.97 16.56 4.29
CA LEU A 413 -7.93 15.53 4.31
C LEU A 413 -8.31 14.41 5.26
N VAL A 414 -8.70 14.77 6.49
CA VAL A 414 -8.99 13.75 7.49
C VAL A 414 -10.16 12.90 7.03
N GLN A 415 -11.16 13.51 6.39
CA GLN A 415 -12.26 12.72 5.81
C GLN A 415 -11.76 11.70 4.80
N LYS A 416 -10.87 12.12 3.90
CA LYS A 416 -10.38 11.20 2.86
C LYS A 416 -9.56 10.07 3.45
N MET A 417 -8.67 10.37 4.40
CA MET A 417 -7.88 9.30 5.02
C MET A 417 -8.76 8.33 5.80
N SER A 418 -9.75 8.87 6.49
CA SER A 418 -10.68 8.02 7.24
C SER A 418 -11.46 7.08 6.32
N HIS A 419 -11.98 7.62 5.19
CA HIS A 419 -12.66 6.81 4.21
C HIS A 419 -11.77 5.65 3.77
N GLN A 420 -10.51 5.97 3.46
CA GLN A 420 -9.56 4.94 3.00
CA GLN A 420 -9.65 4.89 2.96
C GLN A 420 -9.38 3.84 4.03
N LEU A 421 -9.11 4.23 5.27
CA LEU A 421 -8.84 3.21 6.29
C LEU A 421 -10.06 2.31 6.49
N MET A 422 -11.26 2.88 6.38
CA MET A 422 -12.43 2.04 6.64
C MET A 422 -12.82 1.17 5.44
N LEU A 423 -12.12 1.29 4.31
CA LEU A 423 -12.34 0.31 3.26
C LEU A 423 -11.75 -1.07 3.55
N TYR A 424 -10.84 -1.19 4.53
CA TYR A 424 -9.99 -2.37 4.60
C TYR A 424 -9.94 -2.87 6.04
N ARG A 425 -9.50 -4.12 6.16
CA ARG A 425 -9.26 -4.70 7.49
C ARG A 425 -8.11 -3.95 8.18
N ASP A 426 -8.17 -3.89 9.52
CA ASP A 426 -7.16 -3.09 10.23
C ASP A 426 -5.74 -3.56 9.90
N ALA A 427 -5.49 -4.87 9.85
CA ALA A 427 -4.14 -5.36 9.58
C ALA A 427 -3.68 -5.01 8.16
N THR A 428 -4.64 -5.01 7.21
CA THR A 428 -4.35 -4.61 5.84
C THR A 428 -3.83 -3.18 5.80
N ASN A 429 -4.48 -2.28 6.53
CA ASN A 429 -4.03 -0.89 6.51
C ASN A 429 -2.57 -0.76 6.92
N ARG A 430 -2.10 -1.61 7.84
CA ARG A 430 -0.71 -1.53 8.28
C ARG A 430 0.25 -2.11 7.24
N MET A 431 -0.25 -2.88 6.29
CA MET A 431 0.62 -3.41 5.23
C MET A 431 0.70 -2.54 3.97
N MET A 432 -0.18 -1.55 3.81
CA MET A 432 -0.20 -0.69 2.63
C MET A 432 1.14 0.00 2.42
N PHE A 433 1.53 0.15 1.16
CA PHE A 433 2.85 0.67 0.79
C PHE A 433 2.72 2.15 0.42
N ASN A 434 3.22 3.06 1.28
CA ASN A 434 3.02 4.50 1.11
C ASN A 434 4.27 5.12 0.48
N THR A 435 4.17 5.56 -0.79
CA THR A 435 5.29 6.33 -1.36
C THR A 435 4.75 7.63 -1.90
N VAL A 436 5.43 8.75 -1.63
CA VAL A 436 4.84 10.01 -2.08
C VAL A 436 5.12 10.23 -3.55
N ASP A 437 6.20 9.66 -4.08
CA ASP A 437 6.48 9.75 -5.50
C ASP A 437 7.14 8.46 -5.95
N SER A 438 7.32 8.33 -7.25
CA SER A 438 7.83 7.10 -7.83
C SER A 438 8.27 7.40 -9.26
N HIS A 439 8.66 6.34 -9.97
CA HIS A 439 9.06 6.46 -11.36
C HIS A 439 7.88 6.75 -12.26
N ASP A 440 6.66 6.83 -11.70
CA ASP A 440 5.44 7.12 -12.47
C ASP A 440 4.80 8.45 -12.09
N THR A 441 5.46 9.28 -11.28
CA THR A 441 4.91 10.57 -10.86
C THR A 441 5.98 11.66 -10.94
N PRO A 442 5.62 12.95 -10.85
CA PRO A 442 6.65 13.97 -10.61
C PRO A 442 7.32 13.78 -9.24
N ARG A 443 8.55 14.29 -9.12
CA ARG A 443 9.24 14.19 -7.84
C ARG A 443 8.67 15.12 -6.78
N LEU A 444 8.75 14.67 -5.51
CA LEU A 444 8.30 15.47 -4.37
C LEU A 444 8.89 16.88 -4.36
N MET A 445 10.20 17.01 -4.56
CA MET A 445 10.78 18.33 -4.46
C MET A 445 10.27 19.25 -5.57
N THR A 446 9.96 18.70 -6.74
CA THR A 446 9.32 19.49 -7.81
C THR A 446 7.86 19.81 -7.49
N LEU A 447 7.11 18.86 -6.94
CA LEU A 447 5.73 19.18 -6.57
C LEU A 447 5.68 20.27 -5.53
N ALA A 448 6.68 20.31 -4.64
CA ALA A 448 6.78 21.31 -3.58
C ALA A 448 7.39 22.63 -4.06
N HIS A 449 7.69 22.76 -5.35
CA HIS A 449 8.33 23.99 -5.86
C HIS A 449 9.59 24.33 -5.10
N GLU A 450 10.34 23.27 -4.76
CA GLU A 450 11.64 23.34 -4.11
C GLU A 450 11.58 23.99 -2.74
N ASP A 451 10.41 23.94 -2.09
CA ASP A 451 10.23 24.39 -0.71
C ASP A 451 10.58 23.20 0.17
N LYS A 452 11.78 23.20 0.74
CA LYS A 452 12.24 22.02 1.45
C LYS A 452 11.43 21.79 2.72
N GLN A 453 11.02 22.86 3.39
CA GLN A 453 10.21 22.72 4.59
C GLN A 453 8.90 21.99 4.27
N LEU A 454 8.27 22.37 3.18
CA LEU A 454 7.05 21.69 2.76
C LEU A 454 7.33 20.21 2.46
N ALA A 455 8.43 19.92 1.78
CA ALA A 455 8.77 18.53 1.49
C ALA A 455 8.97 17.75 2.78
N LYS A 456 9.67 18.34 3.77
CA LYS A 456 9.84 17.66 5.06
C LYS A 456 8.48 17.39 5.74
N SER A 457 7.55 18.35 5.65
CA SER A 457 6.24 18.13 6.29
C SER A 457 5.50 16.98 5.64
N ILE A 458 5.50 16.95 4.30
CA ILE A 458 4.83 15.86 3.59
C ILE A 458 5.41 14.52 3.97
N LEU A 459 6.73 14.42 3.97
CA LEU A 459 7.34 13.14 4.32
C LEU A 459 7.04 12.74 5.76
N THR A 460 7.13 13.69 6.70
CA THR A 460 6.90 13.33 8.10
C THR A 460 5.44 12.91 8.33
N PHE A 461 4.50 13.63 7.72
CA PHE A 461 3.10 13.27 7.86
C PHE A 461 2.86 11.87 7.31
N THR A 462 3.46 11.56 6.16
CA THR A 462 3.28 10.25 5.56
C THR A 462 3.92 9.15 6.42
N PHE A 463 5.10 9.42 6.97
CA PHE A 463 5.78 8.44 7.81
C PHE A 463 5.06 8.18 9.13
N MET A 464 4.13 9.05 9.56
CA MET A 464 3.36 8.75 10.76
C MET A 464 2.12 7.88 10.49
N GLN A 465 1.82 7.56 9.23
CA GLN A 465 0.58 6.85 8.88
C GLN A 465 0.69 5.35 9.14
N PRO A 466 -0.45 4.63 9.14
CA PRO A 466 -0.40 3.18 9.44
C PRO A 466 0.44 2.39 8.45
N GLY A 467 0.42 2.73 7.16
CA GLY A 467 1.11 1.90 6.20
C GLY A 467 2.62 2.06 6.27
N VAL A 468 3.32 1.21 5.53
CA VAL A 468 4.77 1.19 5.56
C VAL A 468 5.32 2.19 4.56
N PRO A 469 6.28 3.03 4.92
CA PRO A 469 6.74 4.06 3.98
C PRO A 469 7.86 3.57 3.08
N SER A 470 7.98 4.24 1.92
CA SER A 470 9.03 4.00 0.93
C SER A 470 9.57 5.34 0.45
N ILE A 471 10.89 5.35 0.20
CA ILE A 471 11.64 6.50 -0.28
C ILE A 471 12.06 6.19 -1.71
N TYR A 472 11.64 7.01 -2.68
CA TYR A 472 12.11 6.85 -4.06
C TYR A 472 13.56 7.38 -4.19
N TYR A 473 14.41 6.63 -4.90
CA TYR A 473 15.87 6.95 -4.83
C TYR A 473 16.12 8.44 -5.10
N GLY A 474 16.99 9.07 -4.28
CA GLY A 474 17.31 10.46 -4.49
C GLY A 474 16.45 11.45 -3.75
N THR A 475 15.31 11.01 -3.19
CA THR A 475 14.50 11.90 -2.36
C THR A 475 15.32 12.47 -1.19
N GLU A 476 16.22 11.65 -0.66
CA GLU A 476 17.01 12.02 0.51
C GLU A 476 18.05 13.09 0.22
N TYR A 477 18.29 13.43 -1.05
CA TYR A 477 19.17 14.52 -1.43
C TYR A 477 18.43 15.63 -2.16
N GLY A 478 17.10 15.53 -2.25
CA GLY A 478 16.32 16.63 -2.82
C GLY A 478 16.26 16.66 -4.33
N MET A 479 16.30 15.50 -4.98
CA MET A 479 16.29 15.46 -6.45
C MET A 479 14.98 16.01 -6.99
N THR A 480 15.08 16.73 -8.12
CA THR A 480 13.95 17.32 -8.78
C THR A 480 13.61 16.52 -10.03
N GLY A 481 12.38 16.73 -10.51
CA GLY A 481 12.01 16.12 -11.77
C GLY A 481 10.51 16.19 -11.97
N GLU A 482 10.10 16.48 -13.21
CA GLU A 482 8.70 16.40 -13.63
C GLU A 482 8.36 14.94 -13.86
N ASN A 483 7.17 14.65 -14.42
CA ASN A 483 6.81 13.25 -14.62
C ASN A 483 7.72 12.57 -15.65
N ASP A 484 7.69 11.23 -15.60
CA ASP A 484 8.34 10.28 -16.51
C ASP A 484 8.40 10.87 -17.93
N PRO A 485 9.59 11.01 -18.53
CA PRO A 485 10.88 10.44 -18.08
C PRO A 485 11.71 11.32 -17.13
N ASP A 486 11.24 12.52 -16.82
CA ASP A 486 12.04 13.46 -16.05
C ASP A 486 12.19 13.06 -14.57
N ASP A 487 11.40 12.11 -14.11
CA ASP A 487 11.51 11.67 -12.72
C ASP A 487 12.52 10.56 -12.57
N ARG A 488 13.29 10.28 -13.63
CA ARG A 488 14.25 9.17 -13.67
C ARG A 488 15.66 9.73 -13.95
N LYS A 489 15.97 10.85 -13.32
CA LYS A 489 17.33 11.41 -13.51
C LYS A 489 18.38 10.47 -12.90
N PRO A 490 19.60 10.49 -13.45
CA PRO A 490 20.71 9.80 -12.79
C PRO A 490 20.84 10.26 -11.34
N MET A 491 21.04 9.30 -10.43
CA MET A 491 21.17 9.60 -9.01
C MET A 491 22.29 10.60 -8.75
N VAL A 492 22.05 11.51 -7.82
CA VAL A 492 23.03 12.56 -7.52
C VAL A 492 24.08 12.01 -6.53
N TRP A 493 25.30 11.74 -7.05
CA TRP A 493 26.39 11.29 -6.20
C TRP A 493 27.43 12.36 -5.92
N GLN A 494 27.35 13.52 -6.58
N GLN A 494 27.33 13.53 -6.56
CA GLN A 494 28.33 14.60 -6.34
CA GLN A 494 28.29 14.61 -6.35
C GLN A 494 27.92 15.38 -5.09
C GLN A 494 27.91 15.39 -5.10
N PRO A 495 28.76 15.42 -4.07
CA PRO A 495 28.37 16.13 -2.83
C PRO A 495 27.98 17.59 -3.03
N GLU A 496 28.61 18.32 -3.96
CA GLU A 496 28.25 19.72 -4.14
C GLU A 496 26.79 19.87 -4.57
N LEU A 497 26.19 18.83 -5.13
CA LEU A 497 24.85 18.88 -5.67
C LEU A 497 23.80 18.24 -4.78
N GLN A 498 24.20 17.65 -3.65
CA GLN A 498 23.29 17.02 -2.71
C GLN A 498 22.84 17.98 -1.62
N ASP A 499 21.57 17.89 -1.22
CA ASP A 499 21.09 18.63 -0.05
C ASP A 499 21.43 17.82 1.21
N HIS A 500 22.50 18.20 1.90
CA HIS A 500 22.95 17.44 3.07
C HIS A 500 22.01 17.61 4.25
N ASP A 501 21.38 18.78 4.38
CA ASP A 501 20.41 19.01 5.46
C ASP A 501 19.22 18.06 5.32
N LEU A 502 18.71 17.91 4.11
CA LEU A 502 17.60 16.97 3.89
C LEU A 502 18.04 15.54 4.17
N TYR A 503 19.26 15.16 3.80
CA TYR A 503 19.69 13.81 4.10
C TYR A 503 19.75 13.57 5.60
N ASP A 504 20.31 14.53 6.35
N ASP A 504 20.31 14.53 6.34
CA ASP A 504 20.35 14.41 7.81
CA ASP A 504 20.35 14.42 7.81
C ASP A 504 18.94 14.27 8.37
C ASP A 504 18.94 14.27 8.37
N PHE A 505 18.02 15.10 7.89
CA PHE A 505 16.63 15.04 8.34
C PHE A 505 16.03 13.67 8.05
N MET A 506 16.25 13.12 6.84
CA MET A 506 15.64 11.85 6.50
CA MET A 506 15.63 11.85 6.51
C MET A 506 16.20 10.73 7.38
N GLN A 507 17.49 10.80 7.70
CA GLN A 507 18.01 9.80 8.66
C GLN A 507 17.25 9.87 9.97
N LYS A 508 17.00 11.10 10.47
CA LYS A 508 16.32 11.16 11.75
CA LYS A 508 16.30 11.22 11.75
C LYS A 508 14.87 10.69 11.64
N LEU A 509 14.20 11.00 10.52
CA LEU A 509 12.81 10.59 10.33
C LEU A 509 12.69 9.07 10.22
N VAL A 510 13.58 8.43 9.47
CA VAL A 510 13.60 6.99 9.39
C VAL A 510 13.78 6.40 10.79
N GLN A 511 14.65 7.04 11.60
CA GLN A 511 14.83 6.51 12.95
CA GLN A 511 14.85 6.59 12.98
C GLN A 511 13.57 6.68 13.81
N VAL A 512 12.84 7.79 13.69
CA VAL A 512 11.59 7.86 14.45
C VAL A 512 10.63 6.77 14.02
N ARG A 513 10.55 6.50 12.71
CA ARG A 513 9.66 5.45 12.26
C ARG A 513 10.07 4.09 12.82
N ARG A 514 11.35 3.75 12.71
CA ARG A 514 11.70 2.36 13.05
C ARG A 514 11.85 2.17 14.55
N GLN A 515 12.31 3.18 15.27
CA GLN A 515 12.57 3.05 16.69
C GLN A 515 11.36 3.38 17.57
N VAL A 516 10.44 4.20 17.10
CA VAL A 516 9.32 4.61 17.95
C VAL A 516 8.00 4.11 17.39
N ILE A 517 7.65 4.52 16.16
CA ILE A 517 6.33 4.22 15.60
C ILE A 517 6.15 2.74 15.34
N ALA A 518 7.19 2.05 14.87
CA ALA A 518 7.03 0.64 14.58
C ALA A 518 6.94 -0.20 15.84
N LYS A 519 7.36 0.34 16.99
CA LYS A 519 7.49 -0.43 18.23
C LYS A 519 6.29 -0.27 19.16
N LEU A 520 5.30 0.52 18.79
CA LEU A 520 4.10 0.53 19.60
C LEU A 520 3.33 -0.76 19.38
N SER A 521 2.50 -1.12 20.36
CA SER A 521 1.76 -2.37 20.36
C SER A 521 0.31 -2.04 20.06
N ASP A 522 -0.19 -2.53 18.91
CA ASP A 522 -1.62 -2.54 18.62
C ASP A 522 -2.25 -1.15 18.77
N ASP A 523 -1.61 -0.14 18.16
CA ASP A 523 -1.93 1.22 18.50
C ASP A 523 -3.19 1.70 17.79
N LYS A 524 -3.73 2.79 18.33
CA LYS A 524 -4.85 3.52 17.76
C LYS A 524 -4.28 4.77 17.08
N ILE A 525 -4.85 5.13 15.93
CA ILE A 525 -4.52 6.38 15.26
C ILE A 525 -5.71 7.30 15.38
N ILE A 526 -5.45 8.56 15.69
CA ILE A 526 -6.48 9.56 15.87
C ILE A 526 -6.08 10.79 15.08
N PHE A 527 -7.00 11.31 14.28
CA PHE A 527 -6.83 12.55 13.52
C PHE A 527 -7.65 13.63 14.22
N ASP A 528 -7.01 14.70 14.68
CA ASP A 528 -7.74 15.81 15.28
C ASP A 528 -7.48 17.04 14.44
N VAL A 529 -8.54 17.71 14.02
CA VAL A 529 -8.41 19.01 13.36
C VAL A 529 -8.47 20.03 14.48
N ILE A 530 -7.35 20.70 14.74
CA ILE A 530 -7.29 21.64 15.85
C ILE A 530 -7.37 23.08 15.39
N GLY A 531 -7.34 23.33 14.08
CA GLY A 531 -7.62 24.66 13.63
C GLY A 531 -7.59 24.69 12.12
N GLU A 532 -7.67 25.89 11.59
CA GLU A 532 -7.62 26.04 10.14
C GLU A 532 -6.27 25.58 9.58
N ARG A 533 -6.34 24.50 8.78
CA ARG A 533 -5.15 23.81 8.28
C ARG A 533 -4.16 23.51 9.39
N GLN A 534 -4.66 23.05 10.54
CA GLN A 534 -3.82 22.61 11.64
C GLN A 534 -4.32 21.24 12.11
N ILE A 535 -3.41 20.26 12.11
CA ILE A 535 -3.76 18.85 12.36
C ILE A 535 -2.89 18.31 13.50
N ARG A 536 -3.52 17.60 14.45
CA ARG A 536 -2.81 16.85 15.46
C ARG A 536 -3.05 15.37 15.14
N LEU A 537 -1.98 14.65 14.86
CA LEU A 537 -1.97 13.21 14.64
C LEU A 537 -1.45 12.51 15.87
N THR A 538 -2.19 11.53 16.38
CA THR A 538 -1.78 10.75 17.54
C THR A 538 -1.74 9.27 17.19
N ARG A 539 -0.66 8.59 17.58
CA ARG A 539 -0.64 7.13 17.61
C ARG A 539 -0.37 6.68 19.05
N GLU A 540 -1.23 5.80 19.57
CA GLU A 540 -0.99 5.45 20.96
C GLU A 540 -1.39 4.00 21.25
N ASP A 541 -0.58 3.37 22.09
CA ASP A 541 -0.82 2.06 22.64
C ASP A 541 -1.19 2.21 24.13
N ASN A 542 -0.92 1.17 24.92
CA ASN A 542 -1.29 1.22 26.34
C ASN A 542 -0.31 2.03 27.18
N GLN A 543 0.96 2.10 26.77
CA GLN A 543 2.01 2.74 27.56
C GLN A 543 2.36 4.14 27.07
N THR A 544 2.37 4.38 25.75
CA THR A 544 2.99 5.58 25.21
C THR A 544 2.20 6.13 24.02
N ARG A 545 2.27 7.45 23.87
CA ARG A 545 1.55 8.17 22.85
C ARG A 545 2.58 8.98 22.07
N ILE A 546 2.52 8.94 20.73
CA ILE A 546 3.33 9.81 19.90
C ILE A 546 2.39 10.76 19.18
N VAL A 547 2.69 12.05 19.27
CA VAL A 547 1.81 13.11 18.82
C VAL A 547 2.60 13.97 17.83
N GLY A 548 1.99 14.26 16.70
CA GLY A 548 2.61 15.18 15.75
C GLY A 548 1.63 16.30 15.47
N VAL A 549 2.09 17.55 15.58
CA VAL A 549 1.24 18.70 15.26
C VAL A 549 1.81 19.35 14.00
N PHE A 550 0.95 19.62 13.03
CA PHE A 550 1.33 20.17 11.73
C PHE A 550 0.58 21.46 11.52
N ASN A 551 1.32 22.57 11.36
CA ASN A 551 0.71 23.88 11.15
C ASN A 551 0.89 24.22 9.68
N ASN A 552 -0.18 24.10 8.89
CA ASN A 552 -0.08 24.40 7.47
C ASN A 552 -1.00 25.54 7.07
N GLY A 553 -1.37 26.39 8.04
CA GLY A 553 -2.05 27.63 7.76
C GLY A 553 -1.06 28.74 7.50
N THR A 554 -1.52 29.97 7.66
CA THR A 554 -0.67 31.14 7.39
C THR A 554 -0.34 31.92 8.64
N THR A 555 -0.77 31.43 9.80
CA THR A 555 -0.50 32.06 11.09
C THR A 555 0.41 31.17 11.93
N ASP A 556 1.02 31.76 12.95
CA ASP A 556 1.76 31.00 13.95
C ASP A 556 0.80 30.21 14.82
N LEU A 557 1.30 29.10 15.34
CA LEU A 557 0.57 28.23 16.28
C LEU A 557 1.42 28.03 17.52
N THR A 558 0.82 28.21 18.71
CA THR A 558 1.52 27.95 19.96
C THR A 558 1.01 26.64 20.56
N VAL A 559 1.94 25.80 21.01
CA VAL A 559 1.55 24.57 21.69
C VAL A 559 2.26 24.50 23.04
N ALA A 560 1.73 23.66 23.93
CA ALA A 560 2.42 23.41 25.19
C ALA A 560 3.80 22.83 24.95
N GLN A 561 4.80 23.32 25.70
CA GLN A 561 6.15 22.77 25.56
C GLN A 561 6.15 21.29 25.90
N PRO A 562 6.49 20.41 24.96
CA PRO A 562 6.51 18.97 25.27
C PRO A 562 7.75 18.64 26.07
N THR A 563 7.63 17.63 26.92
CA THR A 563 8.77 17.19 27.73
CA THR A 563 8.79 17.21 27.73
C THR A 563 9.83 16.49 26.89
N SER A 564 9.41 15.68 25.91
CA SER A 564 10.34 14.88 25.09
C SER A 564 10.01 15.05 23.60
N ILE A 565 10.64 16.04 22.99
CA ILE A 565 10.47 16.31 21.56
C ILE A 565 11.33 15.33 20.77
N LEU A 566 10.74 14.67 19.75
CA LEU A 566 11.51 13.75 18.90
C LEU A 566 12.06 14.42 17.65
N LEU A 567 11.30 15.34 17.07
CA LEU A 567 11.61 15.88 15.77
C LEU A 567 10.80 17.16 15.57
N LYS A 568 11.46 18.25 15.19
CA LYS A 568 10.75 19.50 14.91
C LYS A 568 11.57 20.31 13.93
N THR A 569 10.92 21.29 13.32
CA THR A 569 11.58 22.14 12.33
C THR A 569 11.91 23.54 12.80
N ASN A 570 11.12 24.12 13.71
CA ASN A 570 11.40 25.44 14.30
C ASN A 570 12.43 25.29 15.43
N GLN A 571 13.21 26.36 15.65
N GLN A 571 13.23 26.35 15.68
CA GLN A 571 14.10 26.41 16.82
CA GLN A 571 14.12 26.26 16.84
C GLN A 571 13.32 26.33 18.11
C GLN A 571 13.33 26.34 18.14
N SER A 572 12.10 26.86 18.10
CA SER A 572 11.29 27.02 19.31
C SER A 572 10.72 25.67 19.75
N GLU A 573 10.58 25.50 21.07
CA GLU A 573 9.90 24.32 21.59
C GLU A 573 8.40 24.54 21.83
N THR A 574 7.88 25.72 21.50
CA THR A 574 6.45 25.98 21.71
C THR A 574 5.77 26.60 20.50
N GLN A 575 6.51 27.24 19.61
N GLN A 575 6.49 27.25 19.59
CA GLN A 575 5.94 27.96 18.49
CA GLN A 575 5.86 27.98 18.51
C GLN A 575 6.14 27.15 17.22
C GLN A 575 6.15 27.30 17.18
N LEU A 576 5.09 27.08 16.39
CA LEU A 576 5.18 26.57 15.03
C LEU A 576 4.83 27.68 14.03
N ALA A 577 5.76 28.04 13.16
CA ALA A 577 5.46 28.98 12.08
C ALA A 577 4.73 28.23 10.96
N PRO A 578 4.18 28.93 9.96
CA PRO A 578 3.59 28.24 8.82
C PRO A 578 4.51 27.18 8.23
N ASN A 579 3.94 25.99 8.04
CA ASN A 579 4.52 24.74 7.55
C ASN A 579 5.52 24.10 8.50
N ASP A 580 5.61 24.56 9.75
CA ASP A 580 6.40 23.80 10.72
C ASP A 580 5.60 22.61 11.24
N PHE A 581 6.31 21.65 11.83
CA PHE A 581 5.66 20.57 12.56
C PHE A 581 6.49 20.25 13.78
N MET A 582 5.86 19.52 14.71
CA MET A 582 6.59 19.05 15.88
C MET A 582 6.02 17.70 16.32
N ILE A 583 6.91 16.74 16.53
CA ILE A 583 6.56 15.40 16.97
C ILE A 583 7.15 15.18 18.35
N TRP A 584 6.36 14.65 19.28
CA TRP A 584 6.85 14.36 20.60
C TRP A 584 6.25 13.06 21.12
N THR A 585 6.80 12.61 22.24
CA THR A 585 6.31 11.41 22.89
C THR A 585 5.93 11.71 24.33
N GLU A 586 4.87 11.08 24.81
CA GLU A 586 4.43 11.29 26.18
C GLU A 586 3.85 9.99 26.73
N PRO A 587 3.95 9.77 28.05
CA PRO A 587 3.34 8.57 28.63
C PRO A 587 1.81 8.69 28.69
N VAL A 588 1.15 7.54 28.60
CA VAL A 588 -0.31 7.49 28.63
C VAL A 588 -0.79 7.41 30.07
N ARG A 589 -1.72 8.30 30.43
CA ARG A 589 -2.22 8.41 31.80
C ARG A 589 -3.74 8.24 31.91
C1 GLC B . 3.51 -0.40 -14.34
C2 GLC B . 4.71 0.55 -14.15
C3 GLC B . 4.81 1.63 -15.25
C4 GLC B . 4.76 0.94 -16.61
C5 GLC B . 3.38 0.31 -16.81
C6 GLC B . 3.42 -0.65 -18.00
O2 GLC B . 4.76 1.04 -12.79
O3 GLC B . 6.02 2.34 -15.07
O4 GLC B . 5.06 1.85 -17.65
O5 GLC B . 3.20 -0.59 -15.72
O6 GLC B . 4.27 -1.73 -17.60
C1 GLC B . 6.19 1.52 -18.45
C2 GLC B . 7.32 2.59 -18.43
C3 GLC B . 6.77 3.90 -18.99
C4 GLC B . 6.13 3.65 -20.36
C5 GLC B . 5.13 2.48 -20.33
C6 GLC B . 4.53 2.19 -21.73
O2 GLC B . 7.72 2.80 -17.10
O3 GLC B . 7.86 4.81 -19.13
O4 GLC B . 5.48 4.84 -20.79
O5 GLC B . 5.74 1.32 -19.79
O6 GLC B . 5.58 2.04 -22.68
O1 MES C . 29.19 17.38 -14.84
C2 MES C . 28.55 18.19 -13.86
C3 MES C . 27.38 17.48 -13.17
N4 MES C . 27.89 16.20 -12.69
C5 MES C . 28.66 15.34 -13.59
C6 MES C . 28.67 16.04 -14.94
C7 MES C . 27.25 15.65 -11.50
C8 MES C . 27.63 14.20 -11.19
S MES C . 26.29 13.51 -10.44
O1S MES C . 25.64 14.40 -9.44
O2S MES C . 26.66 12.23 -9.78
O3S MES C . 25.41 13.17 -11.58
C1 GOL D . -6.31 1.78 -1.79
O1 GOL D . -7.51 2.61 -1.60
C2 GOL D . -4.98 2.43 -2.43
O2 GOL D . -4.74 3.76 -2.14
C3 GOL D . -4.95 2.15 -3.97
O3 GOL D . -4.22 3.21 -4.53
C1 GOL E . 20.68 19.42 -20.58
O1 GOL E . 20.76 19.69 -19.21
C2 GOL E . 19.37 18.63 -20.76
O2 GOL E . 19.58 17.27 -20.54
C3 GOL E . 18.89 18.96 -22.21
O3 GOL E . 17.64 18.32 -22.40
O1 MES F . -30.75 -5.59 25.12
C2 MES F . -31.10 -6.66 25.97
C3 MES F . -32.17 -7.50 25.28
N4 MES F . -33.27 -6.61 24.93
C5 MES F . -33.00 -5.36 24.24
C6 MES F . -31.85 -4.70 24.98
C7 MES F . -34.54 -7.26 24.62
C8 MES F . -34.90 -8.22 25.75
S MES F . -36.42 -8.88 25.50
O1S MES F . -36.40 -10.33 25.82
O2S MES F . -37.40 -8.22 26.40
O3S MES F . -36.85 -8.66 24.10
CA CA G . 26.86 -0.33 -16.50
S SO4 H . 23.05 -15.71 -16.72
O1 SO4 H . 22.26 -14.61 -16.14
O2 SO4 H . 22.11 -16.78 -17.07
O3 SO4 H . 24.04 -16.18 -15.75
O4 SO4 H . 23.74 -15.21 -17.92
S SO4 I . -22.01 -1.86 1.00
O1 SO4 I . -21.53 -2.80 2.02
O2 SO4 I . -23.18 -2.42 0.30
O3 SO4 I . -22.36 -0.59 1.67
O4 SO4 I . -20.90 -1.61 0.08
S SO4 J . 28.23 4.64 -0.31
O1 SO4 J . 27.58 3.33 -0.21
O2 SO4 J . 28.08 5.38 0.95
O3 SO4 J . 27.69 5.58 -1.31
O4 SO4 J . 29.66 4.41 -0.57
S SO4 K . 23.56 -2.99 -26.86
O1 SO4 K . 24.34 -3.64 -25.83
O2 SO4 K . 22.29 -3.70 -27.02
O3 SO4 K . 23.23 -1.61 -26.49
O4 SO4 K . 24.32 -3.02 -28.10
S SO4 L . 10.33 26.49 -8.67
O1 SO4 L . 10.56 25.06 -8.51
O2 SO4 L . 8.88 26.71 -8.58
O3 SO4 L . 11.07 27.25 -7.64
O4 SO4 L . 10.77 26.92 -9.99
S SO4 M . 0.29 35.47 13.34
O1 SO4 M . 0.46 34.48 14.41
O2 SO4 M . -1.14 35.75 13.18
O3 SO4 M . 1.01 36.68 13.72
O4 SO4 M . 0.81 34.95 12.09
S SO4 N . 0.65 10.05 -36.90
O1 SO4 N . 1.26 10.34 -35.61
O2 SO4 N . -0.62 9.35 -36.73
O3 SO4 N . 0.41 11.33 -37.56
O4 SO4 N . 1.59 9.26 -37.69
#